data_8VGX
#
_entry.id   8VGX
#
_cell.length_a   1.00
_cell.length_b   1.00
_cell.length_c   1.00
_cell.angle_alpha   90.00
_cell.angle_beta   90.00
_cell.angle_gamma   90.00
#
_symmetry.space_group_name_H-M   'P 1'
#
loop_
_entity.id
_entity.type
_entity.pdbx_description
1 polymer 'Vanadium-dependent bromoperoxidase'
2 non-polymer 'CALCIUM ION'
3 non-polymer 'PHOSPHATE ION'
4 water water
#
_entity_poly.entity_id   1
_entity_poly.type   'polypeptide(L)'
_entity_poly.pdbx_seq_one_letter_code
;MGSSHHHHHHSSGLVPRGSHMASMTGGQQMGRGSEFMGIPADNLQSRAKASFDTRVAAAELALNRGVVPSFANGEELLYR
NPDPDNTDPSFIASFTKGLPHDDNGAIIDPDDFLAFVRAINSGDEKEIADLTLGPARDPETGLPIWRSDLANSLELEVRG
WENSSAGLTFDLEGPDAQSIAMPPAPVLTSPELVAEIAELYLMALGREIEFSEFDSPKNAEYIQFAIDQLNGLEWFNTPA
KLGDPPAEIRRRRGEVTVGNLFRGILPGSEVGPYLSQYIIVGSKQIGSATVGNKTLVSPNAADEFDGEIAYGSITISQRV
RIATPGRDFMTDLKVFLDVQDAADFRGFESYEPGARLIRTIRDLATWVHFDALYEAYLNACLILLANGVPFDPNLPFQQE
DKLDNQDVFVNFGSAHVLSLVTEVATRALKAVRYQKFNIHRRLRPEATGGLISVNKIAPQKGESIFPEVDLAVEELGDIL
EKAEISNRKQNIADGDPDPDPSFLLPMAFAEGSPFHPSYGSGHAVVAGACVTILKAFFDSGIEIDQVFEVDKDEDKLVKS
SFKGTLTVAGELNKLADNIAIGRNMAGVHYFSDQFESLLLGEQVAIGILEEQSLTYGENFFFNLPKFDGTTIQI
;
_entity_poly.pdbx_strand_id   A,B
#
loop_
_chem_comp.id
_chem_comp.type
_chem_comp.name
_chem_comp.formula
CA non-polymer 'CALCIUM ION' 'Ca 2'
PO4 non-polymer 'PHOSPHATE ION' 'O4 P -3'
#
# COMPACT_ATOMS: atom_id res chain seq x y z
N GLN A 45 13.60 -13.11 -30.62
CA GLN A 45 12.59 -12.21 -31.16
C GLN A 45 12.71 -10.82 -30.52
N SER A 46 11.83 -9.92 -30.93
CA SER A 46 11.83 -8.57 -30.38
C SER A 46 11.41 -8.58 -28.92
N ARG A 47 11.95 -7.62 -28.16
CA ARG A 47 11.55 -7.48 -26.77
C ARG A 47 10.08 -7.14 -26.64
N ALA A 48 9.57 -6.27 -27.52
CA ALA A 48 8.14 -5.96 -27.51
C ALA A 48 7.32 -7.19 -27.84
N LYS A 49 7.75 -7.97 -28.83
CA LYS A 49 7.05 -9.21 -29.16
C LYS A 49 7.14 -10.21 -28.01
N ALA A 50 8.29 -10.27 -27.34
CA ALA A 50 8.43 -11.17 -26.19
C ALA A 50 7.51 -10.75 -25.06
N SER A 51 7.39 -9.44 -24.81
CA SER A 51 6.47 -8.97 -23.78
C SER A 51 5.02 -9.27 -24.13
N PHE A 52 4.65 -9.05 -25.39
CA PHE A 52 3.30 -9.39 -25.83
C PHE A 52 3.05 -10.89 -25.69
N ASP A 53 4.04 -11.71 -26.04
CA ASP A 53 3.88 -13.16 -25.94
C ASP A 53 3.77 -13.59 -24.49
N THR A 54 4.53 -12.96 -23.59
CA THR A 54 4.42 -13.28 -22.17
C THR A 54 3.04 -12.92 -21.64
N ARG A 55 2.53 -11.75 -22.02
CA ARG A 55 1.19 -11.36 -21.57
C ARG A 55 0.12 -12.28 -22.14
N VAL A 56 0.25 -12.66 -23.42
CA VAL A 56 -0.70 -13.58 -24.02
C VAL A 56 -0.60 -14.95 -23.37
N ALA A 57 0.61 -15.36 -22.99
CA ALA A 57 0.78 -16.64 -22.29
C ALA A 57 0.15 -16.59 -20.92
N ALA A 58 0.25 -15.46 -20.21
CA ALA A 58 -0.42 -15.32 -18.93
C ALA A 58 -1.94 -15.37 -19.10
N ALA A 59 -2.45 -14.69 -20.12
CA ALA A 59 -3.88 -14.73 -20.39
C ALA A 59 -4.34 -16.14 -20.75
N GLU A 60 -3.53 -16.86 -21.53
CA GLU A 60 -3.83 -18.24 -21.87
C GLU A 60 -3.81 -19.13 -20.64
N LEU A 61 -2.84 -18.91 -19.75
CA LEU A 61 -2.78 -19.68 -18.51
C LEU A 61 -4.03 -19.43 -17.67
N ALA A 62 -4.48 -18.19 -17.61
CA ALA A 62 -5.73 -17.88 -16.92
C ALA A 62 -6.91 -18.58 -17.58
N LEU A 63 -6.93 -18.60 -18.92
CA LEU A 63 -8.01 -19.23 -19.65
C LEU A 63 -8.05 -20.74 -19.42
N ASN A 64 -6.89 -21.40 -19.41
CA ASN A 64 -6.85 -22.84 -19.27
C ASN A 64 -7.09 -23.32 -17.84
N ARG A 65 -7.07 -22.42 -16.85
CA ARG A 65 -7.53 -22.81 -15.52
C ARG A 65 -9.00 -23.20 -15.55
N GLY A 66 -9.76 -22.69 -16.50
CA GLY A 66 -11.15 -23.02 -16.64
C GLY A 66 -12.03 -22.20 -15.72
N VAL A 67 -13.31 -22.17 -16.06
CA VAL A 67 -14.30 -21.44 -15.25
C VAL A 67 -15.00 -22.45 -14.35
N VAL A 68 -14.84 -22.27 -13.04
CA VAL A 68 -15.57 -23.07 -12.07
C VAL A 68 -16.99 -22.52 -12.02
N PRO A 69 -18.01 -23.33 -12.31
CA PRO A 69 -19.38 -22.83 -12.27
C PRO A 69 -19.77 -22.38 -10.87
N SER A 70 -20.39 -21.21 -10.79
CA SER A 70 -20.78 -20.61 -9.51
C SER A 70 -22.25 -20.91 -9.27
N PHE A 71 -22.52 -21.83 -8.36
CA PHE A 71 -23.87 -22.20 -7.98
C PHE A 71 -24.27 -21.46 -6.71
N ALA A 72 -25.45 -20.86 -6.73
CA ALA A 72 -26.04 -20.30 -5.52
C ALA A 72 -26.87 -21.37 -4.82
N ASN A 73 -27.40 -21.02 -3.65
CA ASN A 73 -28.17 -21.95 -2.85
C ASN A 73 -29.64 -22.01 -3.23
N GLY A 74 -30.08 -21.21 -4.19
CA GLY A 74 -31.48 -21.21 -4.58
C GLY A 74 -32.40 -20.49 -3.62
N GLU A 75 -31.84 -19.77 -2.64
CA GLU A 75 -32.67 -19.04 -1.68
C GLU A 75 -33.43 -17.90 -2.33
N GLU A 76 -32.94 -17.42 -3.48
CA GLU A 76 -33.50 -16.22 -4.09
C GLU A 76 -34.97 -16.40 -4.46
N LEU A 77 -35.29 -17.53 -5.08
CA LEU A 77 -36.65 -17.76 -5.56
C LEU A 77 -37.40 -18.84 -4.79
N LEU A 78 -36.76 -19.55 -3.87
CA LEU A 78 -37.44 -20.63 -3.18
C LEU A 78 -38.38 -20.09 -2.11
N TYR A 79 -38.03 -18.94 -1.52
CA TYR A 79 -38.89 -18.29 -0.53
C TYR A 79 -39.88 -17.39 -1.26
N ARG A 80 -41.16 -17.59 -0.99
CA ARG A 80 -42.22 -16.89 -1.68
C ARG A 80 -42.97 -15.97 -0.73
N ASN A 81 -43.76 -15.08 -1.32
CA ASN A 81 -44.56 -14.16 -0.53
C ASN A 81 -45.61 -14.94 0.26
N PRO A 82 -45.74 -14.71 1.57
CA PRO A 82 -46.74 -15.47 2.34
C PRO A 82 -48.17 -15.14 1.98
N ASP A 83 -48.43 -14.04 1.28
CA ASP A 83 -49.79 -13.67 0.91
C ASP A 83 -50.35 -14.73 -0.04
N PRO A 84 -51.51 -15.33 0.27
CA PRO A 84 -52.02 -16.41 -0.59
C PRO A 84 -52.22 -16.02 -2.04
N ASP A 85 -52.65 -14.80 -2.31
CA ASP A 85 -52.86 -14.37 -3.70
C ASP A 85 -51.58 -13.86 -4.35
N ASN A 86 -50.48 -13.79 -3.62
CA ASN A 86 -49.20 -13.33 -4.15
C ASN A 86 -48.24 -14.51 -4.20
N THR A 87 -47.94 -14.98 -5.41
CA THR A 87 -47.01 -16.08 -5.62
C THR A 87 -45.60 -15.60 -5.96
N ASP A 88 -45.36 -14.28 -5.92
CA ASP A 88 -44.05 -13.74 -6.21
C ASP A 88 -43.05 -14.12 -5.13
N PRO A 89 -41.77 -14.19 -5.46
CA PRO A 89 -40.76 -14.48 -4.43
C PRO A 89 -40.66 -13.34 -3.43
N SER A 90 -40.38 -13.70 -2.18
CA SER A 90 -40.24 -12.70 -1.13
C SER A 90 -38.84 -12.08 -1.11
N PHE A 91 -37.85 -12.80 -1.62
CA PHE A 91 -36.46 -12.34 -1.65
C PHE A 91 -35.95 -11.98 -0.27
N ILE A 92 -36.42 -12.68 0.76
CA ILE A 92 -36.03 -12.36 2.13
C ILE A 92 -34.58 -12.75 2.37
N ALA A 93 -34.14 -13.89 1.82
CA ALA A 93 -32.75 -14.32 1.97
C ALA A 93 -31.82 -13.65 0.99
N SER A 94 -32.35 -12.91 0.03
CA SER A 94 -31.54 -12.22 -0.95
C SER A 94 -31.12 -10.86 -0.41
N PHE A 95 -29.98 -10.37 -0.89
CA PHE A 95 -29.55 -9.03 -0.55
C PHE A 95 -30.50 -8.03 -1.18
N THR A 96 -31.31 -7.37 -0.35
CA THR A 96 -32.29 -6.39 -0.82
C THR A 96 -32.05 -5.02 -0.23
N LYS A 97 -30.89 -4.80 0.40
CA LYS A 97 -30.59 -3.53 1.03
C LYS A 97 -30.61 -2.41 -0.01
N GLY A 98 -31.34 -1.34 0.30
CA GLY A 98 -31.48 -0.24 -0.63
C GLY A 98 -32.84 -0.24 -1.30
N LEU A 99 -33.34 -1.43 -1.62
CA LEU A 99 -34.69 -1.54 -2.15
C LEU A 99 -35.70 -1.21 -1.06
N PRO A 100 -36.83 -0.60 -1.41
CA PRO A 100 -37.84 -0.29 -0.38
C PRO A 100 -38.34 -1.57 0.28
N HIS A 101 -38.57 -1.48 1.59
CA HIS A 101 -39.02 -2.61 2.39
C HIS A 101 -40.29 -2.24 3.13
N ASP A 102 -41.13 -3.24 3.39
CA ASP A 102 -42.29 -3.03 4.22
C ASP A 102 -41.88 -3.05 5.69
N ASP A 103 -42.86 -2.94 6.59
CA ASP A 103 -42.56 -2.85 8.01
C ASP A 103 -41.92 -4.12 8.55
N ASN A 104 -42.05 -5.24 7.85
CA ASN A 104 -41.51 -6.51 8.31
C ASN A 104 -40.12 -6.82 7.75
N GLY A 105 -39.54 -5.92 6.96
CA GLY A 105 -38.20 -6.10 6.44
C GLY A 105 -38.11 -6.74 5.07
N ALA A 106 -39.23 -7.17 4.51
CA ALA A 106 -39.24 -7.70 3.14
C ALA A 106 -39.52 -6.58 2.15
N ILE A 107 -39.06 -6.78 0.92
CA ILE A 107 -39.30 -5.80 -0.13
C ILE A 107 -40.75 -5.84 -0.55
N ILE A 108 -41.36 -4.66 -0.70
CA ILE A 108 -42.75 -4.60 -1.15
C ILE A 108 -42.87 -5.08 -2.59
N ASP A 109 -41.97 -4.65 -3.46
CA ASP A 109 -42.04 -4.98 -4.88
C ASP A 109 -40.88 -5.89 -5.27
N PRO A 110 -41.15 -7.17 -5.56
CA PRO A 110 -40.06 -8.04 -6.06
C PRO A 110 -39.50 -7.58 -7.39
N ASP A 111 -40.28 -6.83 -8.17
CA ASP A 111 -39.77 -6.30 -9.44
C ASP A 111 -38.61 -5.34 -9.21
N ASP A 112 -38.58 -4.67 -8.06
CA ASP A 112 -37.42 -3.85 -7.71
C ASP A 112 -36.17 -4.70 -7.62
N PHE A 113 -36.26 -5.85 -6.95
CA PHE A 113 -35.11 -6.73 -6.83
C PHE A 113 -34.74 -7.34 -8.19
N LEU A 114 -35.73 -7.65 -9.01
CA LEU A 114 -35.43 -8.19 -10.33
C LEU A 114 -34.71 -7.15 -11.20
N ALA A 115 -35.15 -5.89 -11.13
CA ALA A 115 -34.44 -4.82 -11.83
C ALA A 115 -33.02 -4.66 -11.28
N PHE A 116 -32.87 -4.79 -9.97
CA PHE A 116 -31.54 -4.72 -9.36
C PHE A 116 -30.63 -5.82 -9.89
N VAL A 117 -31.15 -7.04 -10.02
CA VAL A 117 -30.36 -8.15 -10.54
C VAL A 117 -30.03 -7.92 -12.00
N ARG A 118 -30.99 -7.39 -12.78
CA ARG A 118 -30.72 -7.07 -14.18
C ARG A 118 -29.62 -6.03 -14.30
N ALA A 119 -29.65 -5.00 -13.46
CA ALA A 119 -28.60 -3.99 -13.46
C ALA A 119 -27.26 -4.57 -13.06
N ILE A 120 -27.26 -5.50 -12.10
CA ILE A 120 -26.03 -6.18 -11.71
C ILE A 120 -25.44 -6.92 -12.91
N ASN A 121 -26.30 -7.66 -13.63
CA ASN A 121 -25.82 -8.49 -14.72
C ASN A 121 -25.38 -7.64 -15.92
N SER A 122 -26.01 -6.48 -16.11
CA SER A 122 -25.67 -5.65 -17.26
C SER A 122 -24.48 -4.75 -16.98
N GLY A 123 -24.52 -4.02 -15.88
CA GLY A 123 -23.46 -3.09 -15.54
C GLY A 123 -23.61 -1.70 -16.11
N ASP A 124 -24.67 -1.45 -16.88
CA ASP A 124 -24.86 -0.13 -17.48
C ASP A 124 -25.13 0.92 -16.43
N GLU A 125 -24.56 2.11 -16.62
CA GLU A 125 -24.77 3.20 -15.68
C GLU A 125 -26.24 3.60 -15.61
N LYS A 126 -26.88 3.73 -16.77
CA LYS A 126 -28.26 4.19 -16.81
C LYS A 126 -29.20 3.20 -16.13
N GLU A 127 -29.01 1.89 -16.41
CA GLU A 127 -29.89 0.89 -15.82
C GLU A 127 -29.74 0.85 -14.30
N ILE A 128 -28.51 1.00 -13.80
CA ILE A 128 -28.29 1.08 -12.36
C ILE A 128 -28.97 2.34 -11.80
N ALA A 129 -28.83 3.46 -12.50
CA ALA A 129 -29.44 4.70 -12.04
C ALA A 129 -30.96 4.64 -12.09
N ASP A 130 -31.54 3.88 -13.02
CA ASP A 130 -32.98 3.74 -13.07
C ASP A 130 -33.53 2.88 -11.94
N LEU A 131 -32.67 2.21 -11.18
CA LEU A 131 -33.14 1.42 -10.05
C LEU A 131 -33.74 2.32 -8.98
N THR A 132 -34.77 1.81 -8.32
CA THR A 132 -35.36 2.49 -7.18
C THR A 132 -34.53 2.15 -5.94
N LEU A 133 -33.78 3.13 -5.44
CA LEU A 133 -32.94 2.96 -4.27
C LEU A 133 -33.50 3.82 -3.15
N GLY A 134 -33.78 3.20 -2.01
CA GLY A 134 -34.34 3.90 -0.89
C GLY A 134 -35.86 3.93 -0.94
N PRO A 135 -36.46 4.57 0.05
CA PRO A 135 -37.93 4.62 0.15
C PRO A 135 -38.48 5.73 -0.72
N ALA A 136 -39.79 5.92 -0.62
CA ALA A 136 -40.45 7.01 -1.33
C ALA A 136 -39.92 8.36 -0.84
N ARG A 137 -39.75 9.29 -1.76
CA ARG A 137 -39.19 10.58 -1.44
C ARG A 137 -40.30 11.60 -1.17
N ASP A 138 -39.93 12.64 -0.43
CA ASP A 138 -40.85 13.75 -0.22
C ASP A 138 -41.05 14.50 -1.52
N PRO A 139 -42.29 14.73 -1.96
CA PRO A 139 -42.50 15.44 -3.23
C PRO A 139 -41.92 16.84 -3.24
N GLU A 140 -41.93 17.53 -2.10
CA GLU A 140 -41.46 18.91 -2.06
C GLU A 140 -39.94 18.98 -1.93
N THR A 141 -39.41 18.44 -0.83
CA THR A 141 -37.97 18.56 -0.58
C THR A 141 -37.14 17.55 -1.37
N GLY A 142 -37.76 16.52 -1.94
CA GLY A 142 -37.02 15.51 -2.66
C GLY A 142 -36.24 14.56 -1.79
N LEU A 143 -36.41 14.62 -0.48
CA LEU A 143 -35.67 13.78 0.45
C LEU A 143 -36.46 12.51 0.75
N PRO A 144 -35.78 11.38 0.85
CA PRO A 144 -36.48 10.12 1.15
C PRO A 144 -37.15 10.19 2.51
N ILE A 145 -38.36 9.62 2.57
CA ILE A 145 -39.13 9.60 3.82
C ILE A 145 -38.68 8.39 4.62
N TRP A 146 -38.08 8.65 5.78
CA TRP A 146 -37.50 7.60 6.61
C TRP A 146 -38.47 7.19 7.70
N ARG A 147 -38.54 5.88 7.96
CA ARG A 147 -39.40 5.40 9.04
C ARG A 147 -38.91 5.88 10.39
N SER A 148 -37.61 5.72 10.66
CA SER A 148 -37.06 6.13 11.93
C SER A 148 -36.97 7.65 12.01
N ASP A 149 -37.29 8.19 13.19
CA ASP A 149 -37.17 9.63 13.40
C ASP A 149 -35.72 10.07 13.37
N LEU A 150 -34.79 9.16 13.68
CA LEU A 150 -33.37 9.50 13.65
C LEU A 150 -32.91 9.83 12.23
N ALA A 151 -33.28 8.99 11.26
CA ALA A 151 -32.87 9.23 9.88
C ALA A 151 -33.58 10.43 9.29
N ASN A 152 -34.81 10.70 9.74
CA ASN A 152 -35.54 11.87 9.24
C ASN A 152 -34.95 13.16 9.80
N SER A 153 -34.65 13.18 11.11
CA SER A 153 -34.09 14.38 11.71
C SER A 153 -32.70 14.69 11.17
N LEU A 154 -31.96 13.65 10.79
CA LEU A 154 -30.66 13.84 10.16
C LEU A 154 -30.77 14.23 8.69
N GLU A 155 -31.98 14.18 8.12
CA GLU A 155 -32.19 14.39 6.69
C GLU A 155 -31.28 13.49 5.87
N LEU A 156 -31.21 12.22 6.27
CA LEU A 156 -30.34 11.27 5.60
C LEU A 156 -30.76 11.05 4.16
N GLU A 157 -29.78 10.99 3.27
CA GLU A 157 -30.01 10.62 1.89
C GLU A 157 -29.79 9.12 1.73
N VAL A 158 -29.97 8.63 0.52
CA VAL A 158 -29.75 7.21 0.26
C VAL A 158 -28.27 6.98 -0.04
N ARG A 159 -27.84 5.74 0.17
CA ARG A 159 -26.51 5.30 -0.21
C ARG A 159 -26.63 4.20 -1.25
N GLY A 160 -25.84 4.30 -2.31
CA GLY A 160 -25.93 3.38 -3.42
C GLY A 160 -25.24 2.06 -3.14
N TRP A 161 -25.49 1.10 -4.03
CA TRP A 161 -24.81 -0.18 -3.93
C TRP A 161 -23.35 -0.02 -4.31
N GLU A 162 -22.48 -0.65 -3.53
CA GLU A 162 -21.03 -0.52 -3.73
C GLU A 162 -20.58 -1.49 -4.81
N ASN A 163 -20.44 -0.98 -6.03
CA ASN A 163 -19.87 -1.73 -7.15
C ASN A 163 -20.68 -2.99 -7.45
N SER A 164 -21.95 -2.78 -7.79
CA SER A 164 -22.82 -3.89 -8.13
C SER A 164 -22.35 -4.65 -9.36
N SER A 165 -21.55 -4.02 -10.22
CA SER A 165 -21.09 -4.64 -11.45
C SER A 165 -19.58 -4.72 -11.54
N ALA A 166 -18.87 -4.56 -10.43
CA ALA A 166 -17.43 -4.76 -10.42
C ALA A 166 -17.06 -6.20 -10.74
N GLY A 167 -17.98 -7.15 -10.58
CA GLY A 167 -17.74 -8.51 -10.97
C GLY A 167 -17.68 -8.72 -12.46
N LEU A 168 -18.32 -7.83 -13.23
CA LEU A 168 -18.19 -7.86 -14.67
C LEU A 168 -16.88 -7.25 -15.16
N THR A 169 -16.18 -6.54 -14.29
CA THR A 169 -14.91 -5.93 -14.67
C THR A 169 -13.87 -7.00 -14.93
N PHE A 170 -13.20 -6.89 -16.07
CA PHE A 170 -12.11 -7.80 -16.39
C PHE A 170 -10.87 -7.43 -15.59
N ASP A 171 -9.90 -8.33 -15.59
CA ASP A 171 -8.61 -8.07 -14.98
C ASP A 171 -7.50 -8.49 -15.93
N LEU A 172 -6.44 -7.68 -15.99
CA LEU A 172 -5.33 -7.96 -16.89
C LEU A 172 -4.33 -8.93 -16.28
N GLU A 173 -4.38 -9.16 -14.98
CA GLU A 173 -3.48 -10.08 -14.31
C GLU A 173 -4.29 -10.93 -13.35
N GLY A 174 -4.10 -12.25 -13.43
CA GLY A 174 -4.77 -13.15 -12.53
C GLY A 174 -6.08 -13.69 -13.05
N PRO A 175 -6.74 -14.50 -12.25
CA PRO A 175 -8.00 -15.12 -12.70
C PRO A 175 -9.08 -14.08 -12.92
N ASP A 176 -9.95 -14.37 -13.90
CA ASP A 176 -11.12 -13.53 -14.11
C ASP A 176 -12.03 -13.60 -12.89
N ALA A 177 -12.75 -12.51 -12.63
CA ALA A 177 -13.65 -12.46 -11.48
C ALA A 177 -14.67 -13.58 -11.51
N GLN A 178 -15.09 -14.00 -12.70
CA GLN A 178 -16.13 -15.02 -12.85
C GLN A 178 -15.55 -16.40 -13.15
N SER A 179 -14.23 -16.56 -13.18
CA SER A 179 -13.64 -17.86 -13.47
C SER A 179 -13.52 -18.74 -12.23
N ILE A 180 -13.70 -18.17 -11.04
CA ILE A 180 -13.54 -18.89 -9.78
C ILE A 180 -14.84 -18.77 -9.01
N ALA A 181 -15.30 -19.88 -8.45
CA ALA A 181 -16.63 -19.97 -7.86
C ALA A 181 -16.53 -20.24 -6.36
N MET A 182 -17.42 -19.64 -5.64
CA MET A 182 -17.61 -20.13 -4.28
C MET A 182 -18.73 -21.16 -4.23
N PRO A 183 -18.74 -22.02 -3.22
CA PRO A 183 -19.86 -22.93 -3.02
C PRO A 183 -21.13 -22.15 -2.71
N PRO A 184 -22.29 -22.79 -2.81
CA PRO A 184 -23.53 -22.09 -2.42
C PRO A 184 -23.49 -21.65 -0.97
N ALA A 185 -24.05 -20.47 -0.71
CA ALA A 185 -24.14 -19.98 0.65
C ALA A 185 -25.10 -20.85 1.46
N PRO A 186 -24.93 -20.90 2.79
CA PRO A 186 -25.90 -21.63 3.62
C PRO A 186 -27.30 -21.05 3.47
N VAL A 187 -28.29 -21.94 3.47
CA VAL A 187 -29.67 -21.49 3.36
C VAL A 187 -30.19 -21.07 4.72
N LEU A 188 -31.26 -20.27 4.72
CA LEU A 188 -31.80 -19.74 5.97
C LEU A 188 -32.24 -20.86 6.91
N THR A 189 -32.76 -21.96 6.36
CA THR A 189 -33.25 -23.05 7.18
C THR A 189 -32.16 -24.03 7.59
N SER A 190 -30.94 -23.85 7.11
CA SER A 190 -29.87 -24.78 7.44
C SER A 190 -29.37 -24.54 8.87
N PRO A 191 -28.91 -25.61 9.54
CA PRO A 191 -28.24 -25.39 10.83
C PRO A 191 -26.97 -24.58 10.72
N GLU A 192 -26.35 -24.55 9.54
CA GLU A 192 -25.16 -23.72 9.35
C GLU A 192 -25.49 -22.25 9.51
N LEU A 193 -26.59 -21.80 8.90
CA LEU A 193 -27.00 -20.41 9.06
C LEU A 193 -27.38 -20.11 10.51
N VAL A 194 -28.01 -21.07 11.18
CA VAL A 194 -28.38 -20.88 12.58
C VAL A 194 -27.14 -20.70 13.44
N ALA A 195 -26.12 -21.53 13.22
CA ALA A 195 -24.88 -21.40 13.96
C ALA A 195 -24.17 -20.09 13.63
N GLU A 196 -24.19 -19.65 12.40
CA GLU A 196 -23.57 -18.39 11.96
C GLU A 196 -24.28 -17.21 12.62
N ILE A 197 -25.57 -17.26 12.69
CA ILE A 197 -26.32 -16.21 13.39
C ILE A 197 -26.05 -16.26 14.88
N ALA A 198 -25.96 -17.44 15.46
CA ALA A 198 -25.65 -17.57 16.87
C ALA A 198 -24.31 -16.95 17.20
N GLU A 199 -23.29 -17.30 16.43
CA GLU A 199 -21.94 -16.79 16.67
C GLU A 199 -21.90 -15.28 16.45
N LEU A 200 -22.63 -14.80 15.44
CA LEU A 200 -22.72 -13.37 15.19
C LEU A 200 -23.34 -12.63 16.36
N TYR A 201 -24.46 -13.15 16.87
CA TYR A 201 -25.14 -12.52 18.00
C TYR A 201 -24.28 -12.58 19.25
N LEU A 202 -23.55 -13.67 19.45
CA LEU A 202 -22.68 -13.78 20.61
C LEU A 202 -21.53 -12.79 20.54
N MET A 203 -20.94 -12.60 19.34
CA MET A 203 -19.94 -11.56 19.19
C MET A 203 -20.53 -10.19 19.44
N ALA A 204 -21.73 -9.94 18.93
CA ALA A 204 -22.37 -8.65 19.12
C ALA A 204 -22.62 -8.37 20.59
N LEU A 205 -23.05 -9.40 21.33
CA LEU A 205 -23.25 -9.27 22.77
C LEU A 205 -21.93 -9.20 23.53
N GLY A 206 -20.85 -9.69 22.93
CA GLY A 206 -19.55 -9.68 23.58
C GLY A 206 -18.56 -8.74 22.94
N ARG A 207 -19.06 -7.61 22.42
CA ARG A 207 -18.18 -6.66 21.75
C ARG A 207 -17.23 -5.96 22.72
N GLU A 208 -17.67 -5.74 23.96
CA GLU A 208 -16.86 -5.04 24.94
C GLU A 208 -15.94 -5.98 25.70
N ILE A 209 -15.63 -7.14 25.14
CA ILE A 209 -14.87 -8.18 25.84
C ILE A 209 -13.49 -8.27 25.23
N GLU A 210 -12.47 -8.17 26.08
CA GLU A 210 -11.10 -8.12 25.60
C GLU A 210 -10.66 -9.48 25.09
N PHE A 211 -9.85 -9.46 24.02
CA PHE A 211 -9.35 -10.70 23.43
C PHE A 211 -8.43 -11.42 24.40
N SER A 212 -7.59 -10.68 25.12
CA SER A 212 -6.72 -11.28 26.12
C SER A 212 -7.47 -11.81 27.32
N GLU A 213 -8.76 -11.48 27.46
CA GLU A 213 -9.55 -11.88 28.62
C GLU A 213 -10.68 -12.84 28.24
N PHE A 214 -10.49 -13.59 27.15
CA PHE A 214 -11.48 -14.60 26.78
C PHE A 214 -11.60 -15.67 27.84
N ASP A 215 -10.46 -16.13 28.37
CA ASP A 215 -10.44 -17.12 29.43
C ASP A 215 -10.41 -16.51 30.82
N SER A 216 -10.47 -15.18 30.93
CA SER A 216 -10.41 -14.54 32.22
C SER A 216 -11.71 -14.75 33.00
N PRO A 217 -11.62 -14.87 34.32
CA PRO A 217 -12.84 -15.00 35.13
C PRO A 217 -13.86 -13.91 34.90
N LYS A 218 -13.43 -12.67 34.66
CA LYS A 218 -14.38 -11.56 34.53
C LYS A 218 -15.30 -11.74 33.34
N ASN A 219 -14.82 -12.38 32.27
CA ASN A 219 -15.62 -12.66 31.09
C ASN A 219 -16.14 -14.08 31.06
N ALA A 220 -15.89 -14.85 32.13
CA ALA A 220 -16.15 -16.29 32.10
C ALA A 220 -17.63 -16.59 31.90
N GLU A 221 -18.52 -15.81 32.53
CA GLU A 221 -19.94 -16.06 32.41
C GLU A 221 -20.38 -15.99 30.94
N TYR A 222 -20.06 -14.88 30.27
CA TYR A 222 -20.45 -14.73 28.87
C TYR A 222 -19.75 -15.76 28.00
N ILE A 223 -18.46 -16.01 28.25
CA ILE A 223 -17.71 -16.91 27.38
C ILE A 223 -18.26 -18.32 27.49
N GLN A 224 -18.57 -18.77 28.70
CA GLN A 224 -19.17 -20.09 28.88
C GLN A 224 -20.58 -20.12 28.28
N PHE A 225 -21.33 -19.02 28.39
CA PHE A 225 -22.64 -18.96 27.76
C PHE A 225 -22.52 -19.16 26.26
N ALA A 226 -21.59 -18.44 25.63
CA ALA A 226 -21.41 -18.53 24.19
C ALA A 226 -20.94 -19.91 23.78
N ILE A 227 -20.00 -20.49 24.54
CA ILE A 227 -19.49 -21.82 24.22
C ILE A 227 -20.59 -22.86 24.34
N ASP A 228 -21.40 -22.78 25.41
CA ASP A 228 -22.49 -23.73 25.57
C ASP A 228 -23.54 -23.56 24.47
N GLN A 229 -23.85 -22.32 24.10
CA GLN A 229 -24.84 -22.07 23.07
C GLN A 229 -24.38 -22.61 21.72
N LEU A 230 -23.13 -22.33 21.36
CA LEU A 230 -22.60 -22.83 20.09
C LEU A 230 -22.49 -24.34 20.10
N ASN A 231 -22.03 -24.93 21.19
CA ASN A 231 -21.95 -26.37 21.29
C ASN A 231 -23.31 -27.03 21.41
N GLY A 232 -24.36 -26.26 21.65
CA GLY A 232 -25.72 -26.74 21.63
C GLY A 232 -26.38 -26.66 20.26
N LEU A 233 -25.60 -26.38 19.23
CA LEU A 233 -26.10 -26.25 17.86
C LEU A 233 -25.62 -27.43 17.03
N GLU A 234 -26.51 -27.96 16.19
CA GLU A 234 -26.18 -29.12 15.36
C GLU A 234 -24.95 -28.88 14.51
N TRP A 235 -24.74 -27.64 14.07
CA TRP A 235 -23.60 -27.34 13.21
C TRP A 235 -22.27 -27.60 13.92
N PHE A 236 -22.17 -27.24 15.20
CA PHE A 236 -20.92 -27.36 15.92
C PHE A 236 -20.75 -28.73 16.58
N ASN A 237 -21.77 -29.19 17.32
CA ASN A 237 -21.63 -30.45 18.03
C ASN A 237 -21.70 -31.65 17.11
N THR A 238 -22.59 -31.64 16.13
CA THR A 238 -22.71 -32.78 15.24
C THR A 238 -21.76 -32.62 14.06
N PRO A 239 -20.92 -33.61 13.78
CA PRO A 239 -19.96 -33.48 12.66
C PRO A 239 -20.67 -33.53 11.32
N ALA A 240 -19.91 -33.19 10.28
CA ALA A 240 -20.44 -33.23 8.93
C ALA A 240 -20.72 -34.67 8.50
N LYS A 241 -21.82 -34.85 7.78
CA LYS A 241 -22.25 -36.18 7.34
C LYS A 241 -21.64 -36.50 5.98
N LEU A 242 -21.46 -37.80 5.73
CA LEU A 242 -21.02 -38.24 4.42
C LEU A 242 -22.06 -37.89 3.37
N GLY A 243 -21.59 -37.43 2.21
CA GLY A 243 -22.46 -36.96 1.16
C GLY A 243 -22.69 -35.47 1.14
N ASP A 244 -22.30 -34.76 2.19
CA ASP A 244 -22.37 -33.31 2.19
C ASP A 244 -21.37 -32.75 1.19
N PRO A 245 -21.61 -31.55 0.67
CA PRO A 245 -20.64 -30.91 -0.23
C PRO A 245 -19.30 -30.73 0.47
N PRO A 246 -18.20 -30.92 -0.26
CA PRO A 246 -16.88 -30.85 0.39
C PRO A 246 -16.60 -29.52 1.07
N ALA A 247 -17.08 -28.42 0.50
CA ALA A 247 -16.86 -27.11 1.12
C ALA A 247 -17.60 -27.00 2.44
N GLU A 248 -18.82 -27.52 2.52
CA GLU A 248 -19.58 -27.51 3.77
C GLU A 248 -18.86 -28.33 4.83
N ILE A 249 -18.28 -29.46 4.43
CA ILE A 249 -17.48 -30.26 5.37
C ILE A 249 -16.27 -29.47 5.84
N ARG A 250 -15.59 -28.81 4.90
CA ARG A 250 -14.34 -28.11 5.22
C ARG A 250 -14.59 -26.94 6.16
N ARG A 251 -15.69 -26.22 5.97
CA ARG A 251 -15.98 -25.03 6.76
C ARG A 251 -16.80 -25.34 8.02
N ARG A 252 -17.08 -26.60 8.30
CA ARG A 252 -17.86 -26.95 9.47
C ARG A 252 -16.95 -27.02 10.69
N ARG A 253 -17.14 -26.09 11.62
CA ARG A 253 -16.36 -26.06 12.85
C ARG A 253 -16.84 -27.12 13.81
N GLY A 254 -15.91 -27.70 14.56
CA GLY A 254 -16.22 -28.72 15.54
C GLY A 254 -16.68 -28.13 16.85
N GLU A 255 -16.30 -28.79 17.94
CA GLU A 255 -16.66 -28.32 19.27
C GLU A 255 -16.04 -26.95 19.53
N VAL A 256 -16.83 -26.04 20.08
CA VAL A 256 -16.38 -24.68 20.36
C VAL A 256 -15.82 -24.63 21.77
N THR A 257 -14.55 -24.29 21.88
CA THR A 257 -13.88 -24.09 23.15
C THR A 257 -13.45 -22.64 23.26
N VAL A 258 -12.98 -22.25 24.45
CA VAL A 258 -12.46 -20.90 24.62
C VAL A 258 -11.21 -20.70 23.76
N GLY A 259 -10.47 -21.76 23.49
CA GLY A 259 -9.29 -21.66 22.66
C GLY A 259 -9.59 -21.30 21.22
N ASN A 260 -10.71 -21.79 20.68
CA ASN A 260 -11.08 -21.52 19.30
C ASN A 260 -12.37 -20.70 19.19
N LEU A 261 -12.82 -20.10 20.29
CA LEU A 261 -14.05 -19.32 20.24
C LEU A 261 -13.85 -18.09 19.37
N PHE A 262 -14.76 -17.89 18.43
CA PHE A 262 -14.70 -16.79 17.47
C PHE A 262 -13.41 -16.81 16.65
N ARG A 263 -12.85 -17.99 16.44
CA ARG A 263 -11.61 -18.14 15.71
C ARG A 263 -11.85 -18.85 14.38
N GLY A 264 -10.97 -18.61 13.43
CA GLY A 264 -11.06 -19.24 12.13
C GLY A 264 -10.53 -20.66 12.15
N ILE A 265 -10.67 -21.32 11.01
CA ILE A 265 -10.19 -22.68 10.82
C ILE A 265 -8.93 -22.72 9.97
N LEU A 266 -8.33 -21.57 9.69
CA LEU A 266 -7.05 -21.55 9.01
C LEU A 266 -5.97 -22.12 9.94
N PRO A 267 -4.97 -22.81 9.39
CA PRO A 267 -3.89 -23.31 10.25
C PRO A 267 -3.15 -22.17 10.94
N GLY A 268 -2.79 -22.39 12.20
CA GLY A 268 -2.13 -21.38 12.98
C GLY A 268 -3.04 -20.35 13.61
N SER A 269 -4.33 -20.36 13.33
CA SER A 269 -5.35 -19.44 13.93
C SER A 269 -5.88 -19.84 15.32
N GLU A 270 -6.13 -21.09 15.62
CA GLU A 270 -6.48 -21.53 16.95
C GLU A 270 -5.27 -21.65 17.86
N VAL A 271 -4.07 -21.61 17.29
CA VAL A 271 -2.84 -21.77 18.06
C VAL A 271 -2.29 -20.38 18.41
N GLY A 272 -2.10 -20.15 19.71
CA GLY A 272 -1.56 -18.89 20.18
C GLY A 272 -2.62 -17.89 20.59
N PRO A 273 -2.21 -16.64 20.78
CA PRO A 273 -3.17 -15.60 21.15
C PRO A 273 -4.14 -15.33 20.01
N TYR A 274 -5.21 -14.62 20.26
CA TYR A 274 -6.28 -14.43 19.27
C TYR A 274 -5.86 -13.52 18.14
N LEU A 275 -5.33 -12.46 18.58
CA LEU A 275 -4.94 -11.51 17.56
C LEU A 275 -3.58 -11.87 16.98
N SER A 276 -3.45 -11.74 15.66
CA SER A 276 -2.16 -11.94 15.02
C SER A 276 -1.17 -10.90 15.51
N GLN A 277 0.11 -11.29 15.49
CA GLN A 277 1.16 -10.35 15.88
C GLN A 277 1.16 -9.12 14.97
N TYR A 278 0.95 -9.33 13.67
CA TYR A 278 1.03 -8.23 12.72
C TYR A 278 -0.10 -7.22 12.85
N ILE A 279 -1.14 -7.52 13.63
CA ILE A 279 -2.21 -6.56 13.85
C ILE A 279 -2.04 -5.80 15.16
N ILE A 280 -1.15 -6.24 16.04
CA ILE A 280 -0.94 -5.55 17.31
C ILE A 280 0.50 -5.17 17.57
N VAL A 281 1.50 -5.84 17.02
CA VAL A 281 2.88 -5.52 17.31
C VAL A 281 3.43 -4.62 16.22
N GLY A 282 4.46 -3.85 16.57
CA GLY A 282 5.11 -2.99 15.61
C GLY A 282 6.15 -3.75 14.81
N SER A 283 7.31 -3.14 14.61
CA SER A 283 8.35 -3.75 13.80
C SER A 283 9.70 -3.15 14.23
N LYS A 284 10.76 -3.82 13.81
CA LYS A 284 12.11 -3.30 14.05
C LYS A 284 12.23 -1.90 13.44
N GLN A 285 12.47 -0.92 14.29
CA GLN A 285 12.43 0.47 13.89
C GLN A 285 13.71 0.86 13.15
N ILE A 286 13.64 2.02 12.49
CA ILE A 286 14.78 2.54 11.73
C ILE A 286 15.93 2.82 12.70
N GLY A 287 17.12 2.34 12.34
CA GLY A 287 18.29 2.45 13.19
C GLY A 287 18.66 1.18 13.90
N SER A 288 17.76 0.19 13.94
CA SER A 288 18.04 -1.10 14.55
C SER A 288 18.43 -2.11 13.48
N ALA A 289 19.66 -1.94 12.98
CA ALA A 289 20.18 -2.77 11.92
C ALA A 289 21.54 -3.34 12.31
N THR A 290 21.83 -4.53 11.77
CA THR A 290 23.12 -5.18 12.00
C THR A 290 24.06 -4.81 10.86
N VAL A 291 25.07 -4.00 11.17
CA VAL A 291 26.05 -3.55 10.20
C VAL A 291 27.34 -4.29 10.46
N GLY A 292 27.65 -5.26 9.61
CA GLY A 292 28.81 -6.10 9.81
C GLY A 292 28.76 -6.90 11.09
N ASN A 293 29.63 -6.57 12.04
CA ASN A 293 29.65 -7.24 13.33
C ASN A 293 28.88 -6.49 14.41
N LYS A 294 28.94 -5.16 14.43
CA LYS A 294 28.21 -4.41 15.43
C LYS A 294 26.72 -4.41 15.13
N THR A 295 25.93 -4.39 16.19
CA THR A 295 24.47 -4.40 16.09
C THR A 295 23.96 -3.09 16.68
N LEU A 296 23.66 -2.14 15.80
CA LEU A 296 23.08 -0.88 16.24
C LEU A 296 21.62 -1.09 16.63
N VAL A 297 21.24 -0.51 17.77
CA VAL A 297 19.86 -0.56 18.26
C VAL A 297 19.23 0.80 17.96
N SER A 298 18.01 0.77 17.43
CA SER A 298 17.31 2.01 17.16
C SER A 298 17.02 2.73 18.46
N PRO A 299 17.17 4.06 18.49
CA PRO A 299 16.77 4.80 19.70
C PRO A 299 15.29 4.71 19.98
N ASN A 300 14.50 4.35 18.97
CA ASN A 300 13.06 4.16 19.11
C ASN A 300 12.67 2.68 19.08
N ALA A 301 13.56 1.80 19.55
CA ALA A 301 13.29 0.37 19.49
C ALA A 301 12.08 -0.02 20.34
N ALA A 302 11.73 0.78 21.33
CA ALA A 302 10.54 0.53 22.12
C ALA A 302 9.26 0.64 21.28
N ASP A 303 9.33 1.37 20.16
CA ASP A 303 8.16 1.48 19.29
C ASP A 303 7.75 0.15 18.69
N GLU A 304 8.69 -0.80 18.58
CA GLU A 304 8.33 -2.12 18.07
C GLU A 304 7.31 -2.80 18.98
N PHE A 305 7.51 -2.70 20.30
CA PHE A 305 6.56 -3.24 21.26
C PHE A 305 5.46 -2.24 21.61
N ASP A 306 5.57 -1.00 21.14
CA ASP A 306 4.51 -0.02 21.28
C ASP A 306 3.51 -0.05 20.13
N GLY A 307 3.56 -1.09 19.30
CA GLY A 307 2.68 -1.19 18.16
C GLY A 307 2.93 -0.15 17.09
N GLU A 308 4.19 0.16 16.81
CA GLU A 308 4.55 1.13 15.77
C GLU A 308 5.35 0.40 14.69
N ILE A 309 4.80 0.38 13.50
CA ILE A 309 5.44 -0.29 12.37
C ILE A 309 6.40 0.68 11.71
N ALA A 310 7.60 0.20 11.39
CA ALA A 310 8.57 1.01 10.64
C ALA A 310 8.06 1.12 9.21
N TYR A 311 7.32 2.18 8.94
CA TYR A 311 6.72 2.44 7.63
C TYR A 311 7.66 3.38 6.89
N GLY A 312 8.67 2.80 6.25
CA GLY A 312 9.74 3.63 5.72
C GLY A 312 10.41 4.37 6.86
N SER A 313 10.53 5.68 6.70
CA SER A 313 11.11 6.53 7.74
C SER A 313 10.05 7.12 8.66
N ILE A 314 8.77 6.80 8.45
CA ILE A 314 7.72 7.22 9.35
C ILE A 314 7.09 5.96 9.95
N THR A 315 6.09 6.12 10.80
CA THR A 315 5.56 5.00 11.57
C THR A 315 4.06 4.82 11.30
N ILE A 316 3.66 3.56 11.15
CA ILE A 316 2.26 3.19 11.22
C ILE A 316 1.96 2.76 12.65
N SER A 317 1.05 3.47 13.30
CA SER A 317 0.64 3.10 14.65
C SER A 317 -0.40 2.00 14.56
N GLN A 318 -0.13 0.86 15.18
CA GLN A 318 -1.08 -0.24 15.18
C GLN A 318 -2.29 0.04 16.05
N ARG A 319 -2.28 1.11 16.83
CA ARG A 319 -3.39 1.43 17.70
C ARG A 319 -4.61 1.84 16.88
N VAL A 320 -5.75 1.25 17.20
CA VAL A 320 -6.99 1.46 16.47
C VAL A 320 -7.80 2.54 17.18
N ARG A 321 -8.60 3.27 16.39
CA ARG A 321 -9.53 4.22 16.97
C ARG A 321 -10.54 3.50 17.84
N ILE A 322 -10.86 4.08 18.98
CA ILE A 322 -11.71 3.45 19.98
C ILE A 322 -13.14 3.87 19.70
N ALA A 323 -13.92 2.97 19.10
CA ALA A 323 -15.36 3.19 18.98
C ALA A 323 -15.97 3.21 20.37
N THR A 324 -17.04 3.98 20.53
CA THR A 324 -17.68 4.13 21.83
C THR A 324 -18.13 2.76 22.35
N PRO A 325 -17.67 2.35 23.53
CA PRO A 325 -18.05 1.02 24.03
C PRO A 325 -19.54 0.94 24.31
N GLY A 326 -20.11 -0.25 24.07
CA GLY A 326 -21.49 -0.51 24.36
C GLY A 326 -22.48 0.14 23.41
N ARG A 327 -22.01 0.88 22.41
CA ARG A 327 -22.89 1.57 21.47
C ARG A 327 -23.05 0.68 20.24
N ASP A 328 -24.13 -0.10 20.23
CA ASP A 328 -24.50 -0.88 19.06
C ASP A 328 -25.42 -0.04 18.17
N PHE A 329 -25.60 -0.50 16.94
CA PHE A 329 -26.40 0.21 15.96
C PHE A 329 -27.41 -0.73 15.35
N MET A 330 -28.41 -0.14 14.69
CA MET A 330 -29.44 -0.88 13.98
C MET A 330 -30.18 -1.82 14.92
N THR A 331 -30.28 -1.42 16.19
CA THR A 331 -30.97 -2.20 17.21
C THR A 331 -32.46 -1.90 17.27
N ASP A 332 -32.91 -0.79 16.66
CA ASP A 332 -34.31 -0.44 16.61
C ASP A 332 -34.84 -0.84 15.24
N LEU A 333 -36.09 -1.31 15.20
CA LEU A 333 -36.66 -1.81 13.95
C LEU A 333 -36.76 -0.69 12.91
N LYS A 334 -37.14 0.51 13.33
CA LYS A 334 -37.29 1.61 12.39
C LYS A 334 -35.95 2.00 11.77
N VAL A 335 -34.92 2.12 12.60
CA VAL A 335 -33.59 2.45 12.09
C VAL A 335 -33.06 1.33 11.20
N PHE A 336 -33.30 0.07 11.61
CA PHE A 336 -32.87 -1.06 10.79
C PHE A 336 -33.54 -1.03 9.43
N LEU A 337 -34.85 -0.76 9.39
CA LEU A 337 -35.57 -0.70 8.13
C LEU A 337 -35.06 0.44 7.26
N ASP A 338 -34.76 1.58 7.88
CA ASP A 338 -34.20 2.69 7.12
C ASP A 338 -32.85 2.33 6.53
N VAL A 339 -32.00 1.65 7.29
CA VAL A 339 -30.71 1.22 6.77
C VAL A 339 -30.90 0.25 5.62
N GLN A 340 -31.85 -0.69 5.78
CA GLN A 340 -32.22 -1.55 4.66
C GLN A 340 -32.77 -0.76 3.48
N ASP A 341 -33.36 0.41 3.73
CA ASP A 341 -33.83 1.31 2.69
C ASP A 341 -32.77 2.34 2.31
N ALA A 342 -31.49 2.00 2.49
CA ALA A 342 -30.35 2.77 2.01
C ALA A 342 -30.10 4.05 2.80
N ALA A 343 -30.56 4.14 4.05
CA ALA A 343 -30.26 5.30 4.86
C ALA A 343 -28.75 5.44 5.06
N ASP A 344 -28.21 6.57 4.62
CA ASP A 344 -26.77 6.80 4.65
C ASP A 344 -26.35 7.17 6.07
N PHE A 345 -26.12 6.14 6.88
CA PHE A 345 -25.66 6.30 8.25
C PHE A 345 -24.14 6.23 8.36
N ARG A 346 -23.43 6.21 7.23
CA ARG A 346 -21.98 6.10 7.26
C ARG A 346 -21.36 7.28 8.00
N GLY A 347 -20.40 6.99 8.87
CA GLY A 347 -19.74 8.02 9.64
C GLY A 347 -20.49 8.47 10.87
N PHE A 348 -21.60 7.85 11.20
CA PHE A 348 -22.42 8.24 12.34
C PHE A 348 -21.95 7.59 13.65
N GLU A 349 -20.95 6.72 13.58
CA GLU A 349 -20.40 6.09 14.77
C GLU A 349 -19.57 7.11 15.55
N SER A 350 -19.70 7.08 16.87
CA SER A 350 -18.92 7.93 17.75
C SER A 350 -17.67 7.19 18.21
N TYR A 351 -16.63 7.95 18.51
CA TYR A 351 -15.34 7.38 18.87
C TYR A 351 -14.78 8.10 20.09
N GLU A 352 -14.10 7.35 20.93
CA GLU A 352 -13.41 7.90 22.08
C GLU A 352 -12.11 8.58 21.64
N PRO A 353 -11.65 9.59 22.38
CA PRO A 353 -10.39 10.25 22.00
C PRO A 353 -9.21 9.29 22.05
N GLY A 354 -8.27 9.50 21.13
CA GLY A 354 -7.08 8.69 21.10
C GLY A 354 -7.26 7.37 20.38
N ALA A 355 -6.23 6.54 20.50
CA ALA A 355 -6.22 5.23 19.88
C ALA A 355 -5.60 4.22 20.85
N ARG A 356 -5.95 2.96 20.64
CA ARG A 356 -5.43 1.90 21.48
C ARG A 356 -5.20 0.66 20.64
N LEU A 357 -4.30 -0.19 21.10
CA LEU A 357 -4.14 -1.50 20.48
C LEU A 357 -5.43 -2.29 20.61
N ILE A 358 -5.73 -3.10 19.61
CA ILE A 358 -6.97 -3.89 19.60
C ILE A 358 -7.01 -4.74 20.86
N ARG A 359 -7.96 -4.46 21.74
CA ARG A 359 -8.16 -5.30 22.91
C ARG A 359 -9.54 -5.94 22.92
N THR A 360 -10.60 -5.18 22.70
CA THR A 360 -11.94 -5.73 22.71
C THR A 360 -12.35 -6.19 21.31
N ILE A 361 -13.44 -6.94 21.27
CA ILE A 361 -14.02 -7.38 20.00
C ILE A 361 -14.46 -6.18 19.17
N ARG A 362 -15.05 -5.18 19.83
CA ARG A 362 -15.43 -3.95 19.13
C ARG A 362 -14.22 -3.26 18.53
N ASP A 363 -13.04 -3.39 19.15
CA ASP A 363 -11.84 -2.82 18.57
C ASP A 363 -11.50 -3.47 17.23
N LEU A 364 -11.60 -4.79 17.15
CA LEU A 364 -11.35 -5.47 15.88
C LEU A 364 -12.41 -5.13 14.85
N ALA A 365 -13.67 -5.01 15.27
CA ALA A 365 -14.72 -4.58 14.36
C ALA A 365 -14.43 -3.18 13.81
N THR A 366 -14.04 -2.26 14.68
CA THR A 366 -13.68 -0.92 14.25
C THR A 366 -12.49 -0.95 13.30
N TRP A 367 -11.53 -1.83 13.59
CA TRP A 367 -10.34 -1.93 12.76
C TRP A 367 -10.71 -2.34 11.35
N VAL A 368 -11.55 -3.37 11.22
CA VAL A 368 -11.99 -3.82 9.91
C VAL A 368 -13.05 -2.92 9.29
N HIS A 369 -13.58 -1.96 10.04
CA HIS A 369 -14.53 -1.01 9.48
C HIS A 369 -13.90 -0.17 8.37
N PHE A 370 -12.74 0.41 8.63
CA PHE A 370 -12.17 1.41 7.73
C PHE A 370 -10.90 0.99 7.03
N ASP A 371 -10.41 -0.23 7.27
CA ASP A 371 -9.10 -0.62 6.77
C ASP A 371 -9.01 -0.43 5.27
N ALA A 372 -7.92 0.21 4.84
CA ALA A 372 -7.75 0.63 3.45
C ALA A 372 -7.41 -0.60 2.60
N LEU A 373 -8.44 -1.42 2.38
CA LEU A 373 -8.38 -2.51 1.42
C LEU A 373 -7.38 -3.59 1.85
N TYR A 374 -6.08 -3.31 1.67
CA TYR A 374 -5.01 -4.25 1.97
C TYR A 374 -4.23 -3.84 3.21
N GLU A 375 -4.80 -2.97 4.04
CA GLU A 375 -4.04 -2.31 5.09
C GLU A 375 -3.48 -3.32 6.10
N ALA A 376 -4.28 -4.31 6.50
CA ALA A 376 -3.79 -5.31 7.45
C ALA A 376 -2.57 -6.02 6.92
N TYR A 377 -2.56 -6.27 5.63
CA TYR A 377 -1.57 -7.14 4.99
C TYR A 377 -0.40 -6.35 4.59
N LEU A 378 -0.70 -5.22 4.13
CA LEU A 378 0.39 -4.29 3.88
C LEU A 378 1.18 -4.03 5.16
N ASN A 379 0.48 -3.85 6.28
CA ASN A 379 1.16 -3.65 7.56
C ASN A 379 1.90 -4.92 7.99
N ALA A 380 1.30 -6.08 7.75
CA ALA A 380 2.00 -7.34 8.03
C ALA A 380 3.27 -7.45 7.19
N CYS A 381 3.19 -7.10 5.91
CA CYS A 381 4.36 -7.13 5.05
C CYS A 381 5.41 -6.16 5.54
N LEU A 382 5.00 -4.96 5.96
CA LEU A 382 5.96 -3.98 6.44
C LEU A 382 6.63 -4.46 7.72
N ILE A 383 5.87 -5.12 8.60
CA ILE A 383 6.47 -5.70 9.80
C ILE A 383 7.47 -6.78 9.43
N LEU A 384 7.09 -7.67 8.50
CA LEU A 384 7.98 -8.75 8.09
C LEU A 384 9.25 -8.22 7.46
N LEU A 385 9.14 -7.17 6.65
CA LEU A 385 10.32 -6.57 6.04
C LEU A 385 11.20 -5.89 7.09
N ALA A 386 10.59 -5.07 7.95
CA ALA A 386 11.36 -4.36 8.97
C ALA A 386 11.98 -5.34 9.97
N ASN A 387 11.23 -6.39 10.34
CA ASN A 387 11.76 -7.39 11.24
C ASN A 387 12.82 -8.26 10.58
N GLY A 388 13.05 -8.10 9.28
CA GLY A 388 14.05 -8.90 8.60
C GLY A 388 13.64 -10.34 8.41
N VAL A 389 12.34 -10.62 8.39
CA VAL A 389 11.84 -11.97 8.11
C VAL A 389 12.29 -12.31 6.70
N PRO A 390 13.01 -13.41 6.52
CA PRO A 390 13.54 -13.71 5.18
C PRO A 390 12.42 -13.97 4.19
N PHE A 391 12.67 -13.59 2.94
CA PHE A 391 11.78 -13.98 1.87
C PHE A 391 11.83 -15.49 1.69
N ASP A 392 11.01 -15.99 0.77
CA ASP A 392 11.00 -17.42 0.50
C ASP A 392 12.39 -17.86 0.06
N PRO A 393 12.95 -18.89 0.68
CA PRO A 393 14.33 -19.30 0.32
C PRO A 393 14.47 -19.72 -1.13
N ASN A 394 13.38 -20.11 -1.78
CA ASN A 394 13.42 -20.51 -3.18
C ASN A 394 13.34 -19.31 -4.13
N LEU A 395 13.13 -18.11 -3.62
CA LEU A 395 13.30 -16.92 -4.43
C LEU A 395 14.77 -16.72 -4.76
N PRO A 396 15.09 -16.13 -5.90
CA PRO A 396 16.50 -15.93 -6.25
C PRO A 396 17.09 -14.77 -5.49
N PHE A 397 18.42 -14.78 -5.42
CA PHE A 397 19.24 -13.73 -4.83
C PHE A 397 18.95 -13.51 -3.35
N GLN A 398 18.39 -14.50 -2.66
CA GLN A 398 18.13 -14.36 -1.23
C GLN A 398 19.36 -14.69 -0.39
N GLN A 399 20.39 -15.28 -0.99
CA GLN A 399 21.60 -15.60 -0.25
C GLN A 399 22.35 -14.34 0.14
N GLU A 400 23.42 -14.53 0.90
CA GLU A 400 24.33 -13.43 1.18
C GLU A 400 24.92 -12.92 -0.14
N ASP A 401 25.09 -11.61 -0.23
CA ASP A 401 25.55 -11.00 -1.47
C ASP A 401 26.97 -11.41 -1.83
N LYS A 402 27.74 -11.94 -0.88
CA LYS A 402 29.04 -12.51 -1.23
C LYS A 402 28.91 -13.76 -2.09
N LEU A 403 27.70 -14.34 -2.17
CA LEU A 403 27.46 -15.54 -2.96
C LEU A 403 26.71 -15.23 -4.26
N ASP A 404 25.58 -14.53 -4.17
CA ASP A 404 24.74 -14.29 -5.34
C ASP A 404 25.09 -12.98 -6.05
N ASN A 405 25.74 -12.05 -5.36
CA ASN A 405 26.08 -10.73 -5.91
C ASN A 405 24.81 -9.98 -6.34
N GLN A 406 23.74 -10.08 -5.56
CA GLN A 406 22.49 -9.45 -5.97
C GLN A 406 21.61 -9.20 -4.75
N ASP A 407 21.37 -7.92 -4.46
CA ASP A 407 20.27 -7.55 -3.58
C ASP A 407 18.94 -7.68 -4.31
N VAL A 408 17.87 -7.82 -3.54
CA VAL A 408 16.52 -7.91 -4.08
C VAL A 408 15.70 -6.74 -3.51
N PHE A 409 15.34 -5.80 -4.37
CA PHE A 409 14.33 -4.82 -4.03
C PHE A 409 13.18 -4.82 -5.04
N VAL A 410 13.48 -4.66 -6.33
CA VAL A 410 12.41 -4.54 -7.33
C VAL A 410 11.77 -5.89 -7.59
N ASN A 411 12.58 -6.91 -7.87
CA ASN A 411 12.11 -8.27 -8.04
C ASN A 411 12.57 -9.11 -6.86
N PHE A 412 11.65 -9.92 -6.33
CA PHE A 412 11.94 -10.84 -5.23
C PHE A 412 12.41 -10.12 -3.98
N GLY A 413 12.06 -8.83 -3.87
CA GLY A 413 12.46 -8.03 -2.73
C GLY A 413 11.30 -7.35 -2.05
N SER A 414 11.58 -6.31 -1.27
CA SER A 414 10.53 -5.63 -0.53
C SER A 414 9.52 -4.99 -1.47
N ALA A 415 9.99 -4.28 -2.49
CA ALA A 415 9.07 -3.62 -3.41
C ALA A 415 8.20 -4.64 -4.13
N HIS A 416 8.77 -5.77 -4.51
CA HIS A 416 8.02 -6.81 -5.21
C HIS A 416 6.87 -7.31 -4.34
N VAL A 417 7.15 -7.66 -3.09
CA VAL A 417 6.12 -8.22 -2.24
C VAL A 417 5.08 -7.17 -1.88
N LEU A 418 5.51 -5.93 -1.66
CA LEU A 418 4.54 -4.86 -1.37
C LEU A 418 3.60 -4.66 -2.56
N SER A 419 4.15 -4.60 -3.77
CA SER A 419 3.32 -4.42 -4.96
C SER A 419 2.38 -5.60 -5.16
N LEU A 420 2.87 -6.83 -4.99
CA LEU A 420 2.02 -7.99 -5.16
C LEU A 420 0.90 -8.04 -4.11
N VAL A 421 1.24 -7.76 -2.85
CA VAL A 421 0.24 -7.82 -1.79
C VAL A 421 -0.80 -6.72 -1.97
N THR A 422 -0.42 -5.60 -2.58
CA THR A 422 -1.40 -4.53 -2.78
C THR A 422 -2.13 -4.62 -4.11
N GLU A 423 -1.63 -5.40 -5.05
CA GLU A 423 -2.30 -5.54 -6.34
C GLU A 423 -3.18 -6.79 -6.42
N VAL A 424 -2.92 -7.79 -5.59
CA VAL A 424 -3.81 -8.94 -5.52
C VAL A 424 -5.17 -8.55 -4.95
N ALA A 425 -5.20 -7.46 -4.19
CA ALA A 425 -6.40 -7.10 -3.43
C ALA A 425 -7.55 -6.71 -4.34
N THR A 426 -7.27 -5.89 -5.36
CA THR A 426 -8.35 -5.44 -6.25
C THR A 426 -8.86 -6.56 -7.14
N ARG A 427 -7.98 -7.48 -7.55
CA ARG A 427 -8.44 -8.63 -8.31
C ARG A 427 -9.33 -9.53 -7.45
N ALA A 428 -8.91 -9.78 -6.21
CA ALA A 428 -9.75 -10.55 -5.29
C ALA A 428 -11.07 -9.84 -5.04
N LEU A 429 -11.04 -8.51 -4.97
CA LEU A 429 -12.26 -7.74 -4.78
C LEU A 429 -13.20 -7.88 -5.97
N LYS A 430 -12.66 -7.87 -7.18
CA LYS A 430 -13.51 -8.08 -8.35
C LYS A 430 -14.14 -9.47 -8.34
N ALA A 431 -13.35 -10.49 -7.99
CA ALA A 431 -13.88 -11.84 -7.91
C ALA A 431 -15.00 -11.92 -6.87
N VAL A 432 -14.77 -11.35 -5.69
CA VAL A 432 -15.77 -11.42 -4.64
C VAL A 432 -16.97 -10.55 -4.98
N ARG A 433 -16.79 -9.48 -5.74
CA ARG A 433 -17.92 -8.67 -6.16
C ARG A 433 -18.81 -9.44 -7.12
N TYR A 434 -18.19 -10.19 -8.05
CA TYR A 434 -18.96 -11.10 -8.89
C TYR A 434 -19.74 -12.09 -8.03
N GLN A 435 -19.06 -12.71 -7.07
CA GLN A 435 -19.72 -13.69 -6.21
C GLN A 435 -20.87 -13.06 -5.44
N LYS A 436 -20.67 -11.84 -4.92
CA LYS A 436 -21.70 -11.17 -4.13
C LYS A 436 -22.91 -10.86 -5.00
N PHE A 437 -22.70 -10.19 -6.12
CA PHE A 437 -23.80 -9.57 -6.83
C PHE A 437 -24.42 -10.46 -7.89
N ASN A 438 -23.62 -11.22 -8.64
CA ASN A 438 -24.15 -11.93 -9.78
C ASN A 438 -24.55 -13.37 -9.47
N ILE A 439 -24.03 -13.96 -8.40
CA ILE A 439 -24.24 -15.37 -8.10
C ILE A 439 -25.16 -15.55 -6.90
N HIS A 440 -24.72 -15.10 -5.73
CA HIS A 440 -25.38 -15.48 -4.48
C HIS A 440 -26.35 -14.42 -3.98
N ARG A 441 -25.95 -13.15 -3.94
CA ARG A 441 -26.80 -12.06 -3.47
C ARG A 441 -27.32 -12.36 -2.06
N ARG A 442 -26.47 -12.96 -1.25
CA ARG A 442 -26.85 -13.34 0.10
C ARG A 442 -27.14 -12.11 0.94
N LEU A 443 -28.24 -12.19 1.70
CA LEU A 443 -28.58 -11.10 2.60
C LEU A 443 -27.52 -10.97 3.69
N ARG A 444 -27.35 -9.76 4.17
CA ARG A 444 -26.38 -9.50 5.22
C ARG A 444 -26.88 -10.01 6.56
N PRO A 445 -25.98 -10.28 7.50
CA PRO A 445 -26.41 -10.75 8.83
C PRO A 445 -27.35 -9.79 9.54
N GLU A 446 -27.27 -8.48 9.26
CA GLU A 446 -28.28 -7.59 9.82
C GLU A 446 -29.65 -7.89 9.25
N ALA A 447 -29.73 -8.22 7.96
CA ALA A 447 -31.02 -8.57 7.36
C ALA A 447 -31.54 -9.89 7.91
N THR A 448 -30.65 -10.86 8.14
CA THR A 448 -31.07 -12.11 8.77
C THR A 448 -31.55 -11.86 10.19
N GLY A 449 -30.85 -11.00 10.93
CA GLY A 449 -31.31 -10.62 12.25
C GLY A 449 -32.65 -9.90 12.22
N GLY A 450 -32.89 -9.12 11.17
CA GLY A 450 -34.19 -8.48 11.01
C GLY A 450 -35.28 -9.49 10.77
N LEU A 451 -35.02 -10.48 9.92
CA LEU A 451 -35.98 -11.56 9.71
C LEU A 451 -36.25 -12.29 11.02
N ILE A 452 -35.20 -12.58 11.78
CA ILE A 452 -35.33 -13.29 13.05
C ILE A 452 -36.14 -12.45 14.04
N SER A 453 -35.84 -11.15 14.12
CA SER A 453 -36.55 -10.29 15.05
C SER A 453 -38.03 -10.17 14.68
N VAL A 454 -38.33 -9.99 13.40
CA VAL A 454 -39.72 -9.90 12.97
C VAL A 454 -40.45 -11.22 13.23
N ASN A 455 -39.78 -12.34 12.96
CA ASN A 455 -40.37 -13.64 13.21
C ASN A 455 -40.65 -13.85 14.70
N LYS A 456 -39.74 -13.40 15.56
CA LYS A 456 -39.93 -13.58 16.99
C LYS A 456 -41.00 -12.64 17.54
N ILE A 457 -41.10 -11.43 16.99
CA ILE A 457 -42.11 -10.49 17.43
C ILE A 457 -43.50 -10.85 16.92
N ALA A 458 -43.60 -11.54 15.78
CA ALA A 458 -44.90 -11.84 15.20
C ALA A 458 -45.85 -12.55 16.18
N PRO A 459 -45.45 -13.58 16.93
CA PRO A 459 -46.38 -14.17 17.90
C PRO A 459 -46.84 -13.21 18.98
N GLN A 460 -46.04 -12.18 19.29
CA GLN A 460 -46.47 -11.20 20.29
C GLN A 460 -47.72 -10.45 19.83
N LYS A 461 -47.77 -10.09 18.55
CA LYS A 461 -48.94 -9.44 17.98
C LYS A 461 -49.95 -10.43 17.41
N GLY A 462 -49.70 -11.73 17.57
CA GLY A 462 -50.63 -12.75 17.14
C GLY A 462 -50.42 -13.24 15.72
N GLU A 463 -49.50 -12.66 14.97
CA GLU A 463 -49.27 -13.04 13.59
C GLU A 463 -48.07 -13.99 13.50
N SER A 464 -47.70 -14.34 12.27
CA SER A 464 -46.54 -15.17 12.01
C SER A 464 -45.97 -14.80 10.66
N ILE A 465 -44.65 -14.66 10.59
CA ILE A 465 -43.98 -14.24 9.37
C ILE A 465 -42.55 -14.76 9.41
N PHE A 466 -42.02 -15.09 8.24
CA PHE A 466 -40.69 -15.68 8.09
C PHE A 466 -40.55 -17.00 8.85
N PRO A 467 -41.31 -18.04 8.45
CA PRO A 467 -41.03 -19.37 8.99
C PRO A 467 -39.69 -19.92 8.54
N GLU A 468 -39.07 -19.28 7.55
CA GLU A 468 -37.77 -19.70 7.05
C GLU A 468 -36.68 -19.54 8.10
N VAL A 469 -36.86 -18.64 9.06
CA VAL A 469 -35.92 -18.46 10.15
C VAL A 469 -36.51 -18.98 11.47
N ASP A 470 -37.56 -19.80 11.40
CA ASP A 470 -38.15 -20.36 12.60
C ASP A 470 -37.16 -21.28 13.32
N LEU A 471 -36.42 -22.10 12.57
CA LEU A 471 -35.47 -23.00 13.20
C LEU A 471 -34.39 -22.22 13.94
N ALA A 472 -33.93 -21.12 13.34
CA ALA A 472 -32.97 -20.24 14.01
C ALA A 472 -33.59 -19.61 15.25
N VAL A 473 -34.85 -19.15 15.15
CA VAL A 473 -35.48 -18.45 16.27
C VAL A 473 -35.65 -19.39 17.45
N GLU A 474 -36.17 -20.59 17.22
CA GLU A 474 -36.34 -21.56 18.31
C GLU A 474 -34.99 -22.06 18.82
N GLU A 475 -34.03 -22.30 17.92
CA GLU A 475 -32.74 -22.79 18.35
C GLU A 475 -32.03 -21.77 19.24
N LEU A 476 -32.12 -20.49 18.90
CA LEU A 476 -31.41 -19.45 19.63
C LEU A 476 -32.30 -18.75 20.64
N GLY A 477 -32.81 -19.49 21.62
CA GLY A 477 -33.65 -18.88 22.63
C GLY A 477 -32.89 -17.90 23.51
N ASP A 478 -31.92 -18.41 24.29
CA ASP A 478 -31.22 -17.56 25.25
C ASP A 478 -30.39 -16.49 24.54
N ILE A 479 -29.79 -16.83 23.40
CA ILE A 479 -29.04 -15.84 22.63
C ILE A 479 -29.94 -14.67 22.26
N LEU A 480 -31.15 -14.97 21.78
CA LEU A 480 -32.06 -13.90 21.38
C LEU A 480 -32.61 -13.14 22.57
N GLU A 481 -32.79 -13.80 23.72
CA GLU A 481 -33.20 -13.07 24.91
C GLU A 481 -32.12 -12.07 25.35
N LYS A 482 -30.87 -12.51 25.36
CA LYS A 482 -29.78 -11.59 25.69
C LYS A 482 -29.67 -10.47 24.68
N ALA A 483 -29.83 -10.79 23.40
CA ALA A 483 -29.81 -9.78 22.35
C ALA A 483 -30.95 -8.79 22.52
N GLU A 484 -32.13 -9.28 22.92
CA GLU A 484 -33.26 -8.40 23.16
C GLU A 484 -32.99 -7.46 24.32
N ILE A 485 -32.38 -7.97 25.39
CA ILE A 485 -32.05 -7.11 26.52
C ILE A 485 -31.05 -6.03 26.10
N SER A 486 -29.99 -6.44 25.38
CA SER A 486 -28.99 -5.47 24.94
C SER A 486 -29.58 -4.45 23.97
N ASN A 487 -30.46 -4.92 23.07
CA ASN A 487 -31.08 -4.02 22.10
C ASN A 487 -32.01 -3.04 22.79
N ARG A 488 -32.74 -3.49 23.81
CA ARG A 488 -33.60 -2.57 24.56
C ARG A 488 -32.77 -1.54 25.29
N LYS A 489 -31.64 -1.96 25.86
CA LYS A 489 -30.74 -0.99 26.51
C LYS A 489 -30.22 0.03 25.50
N GLN A 490 -29.82 -0.44 24.31
CA GLN A 490 -29.31 0.46 23.28
C GLN A 490 -30.39 1.42 22.80
N ASN A 491 -31.62 0.92 22.62
CA ASN A 491 -32.70 1.75 22.14
C ASN A 491 -33.14 2.77 23.18
N ILE A 492 -33.07 2.42 24.46
CA ILE A 492 -33.27 3.40 25.52
C ILE A 492 -32.19 4.45 25.47
N ALA A 493 -30.93 4.02 25.27
CA ALA A 493 -29.84 4.98 25.09
C ALA A 493 -30.06 5.82 23.85
N ASP A 494 -30.61 5.24 22.79
CA ASP A 494 -30.87 5.99 21.57
C ASP A 494 -31.91 7.09 21.78
N GLY A 495 -32.80 6.90 22.76
CA GLY A 495 -33.77 7.94 23.08
C GLY A 495 -35.21 7.46 23.12
N ASP A 496 -35.42 6.15 23.23
CA ASP A 496 -36.77 5.60 23.33
C ASP A 496 -37.00 5.12 24.75
N PRO A 497 -37.84 5.80 25.54
CA PRO A 497 -38.05 5.36 26.93
C PRO A 497 -38.60 3.95 27.04
N ASP A 498 -39.51 3.55 26.15
CA ASP A 498 -40.10 2.21 26.16
C ASP A 498 -40.08 1.65 24.74
N PRO A 499 -38.91 1.21 24.27
CA PRO A 499 -38.83 0.66 22.92
C PRO A 499 -39.53 -0.69 22.85
N ASP A 500 -40.03 -1.01 21.65
CA ASP A 500 -40.58 -2.33 21.41
C ASP A 500 -39.47 -3.37 21.48
N PRO A 501 -39.78 -4.58 21.93
CA PRO A 501 -38.75 -5.63 21.97
C PRO A 501 -38.13 -5.85 20.60
N SER A 502 -36.80 -5.92 20.58
CA SER A 502 -36.06 -6.02 19.33
C SER A 502 -35.02 -7.11 19.46
N PHE A 503 -35.02 -8.05 18.52
CA PHE A 503 -34.03 -9.12 18.45
C PHE A 503 -33.07 -8.92 17.28
N LEU A 504 -32.95 -7.69 16.80
CA LEU A 504 -32.04 -7.39 15.71
C LEU A 504 -30.61 -7.66 16.12
N LEU A 505 -29.79 -8.05 15.14
CA LEU A 505 -28.37 -8.23 15.41
C LEU A 505 -27.74 -6.88 15.69
N PRO A 506 -27.17 -6.67 16.88
CA PRO A 506 -26.50 -5.40 17.15
C PRO A 506 -25.38 -5.17 16.16
N MET A 507 -25.33 -3.95 15.62
CA MET A 507 -24.40 -3.60 14.57
C MET A 507 -23.29 -2.75 15.17
N ALA A 508 -22.05 -3.12 14.90
CA ALA A 508 -20.92 -2.30 15.33
C ALA A 508 -20.83 -1.00 14.54
N PHE A 509 -21.42 -0.94 13.36
CA PHE A 509 -21.35 0.21 12.48
C PHE A 509 -22.73 0.84 12.34
N ALA A 510 -22.76 2.18 12.28
CA ALA A 510 -24.03 2.88 12.17
C ALA A 510 -24.75 2.52 10.87
N GLU A 511 -24.02 2.50 9.75
CA GLU A 511 -24.59 2.01 8.50
C GLU A 511 -24.76 0.51 8.48
N GLY A 512 -24.24 -0.19 9.48
CA GLY A 512 -24.29 -1.64 9.45
C GLY A 512 -23.34 -2.16 8.39
N SER A 513 -23.82 -3.12 7.61
CA SER A 513 -23.01 -3.70 6.56
C SER A 513 -22.88 -2.73 5.39
N PRO A 514 -21.85 -2.90 4.57
CA PRO A 514 -21.76 -2.12 3.33
C PRO A 514 -22.86 -2.50 2.37
N PHE A 515 -22.98 -1.77 1.26
CA PHE A 515 -24.02 -2.04 0.28
C PHE A 515 -23.60 -3.05 -0.78
N HIS A 516 -23.42 -4.24 -0.28
CA HIS A 516 -23.08 -5.33 -1.15
C HIS A 516 -23.58 -6.56 -0.42
N PRO A 517 -23.83 -7.70 -1.15
CA PRO A 517 -24.23 -8.92 -0.45
C PRO A 517 -23.09 -9.50 0.38
N SER A 518 -23.48 -10.33 1.35
CA SER A 518 -22.55 -10.83 2.34
C SER A 518 -21.69 -11.98 1.82
N TYR A 519 -22.09 -12.65 0.74
CA TYR A 519 -21.39 -13.83 0.25
C TYR A 519 -20.90 -13.56 -1.15
N GLY A 520 -19.58 -13.39 -1.30
CA GLY A 520 -18.63 -13.51 -0.21
C GLY A 520 -18.25 -12.21 0.48
N SER A 521 -17.09 -12.22 1.11
CA SER A 521 -16.59 -11.07 1.86
C SER A 521 -15.44 -10.43 1.10
N GLY A 522 -15.57 -9.13 0.83
CA GLY A 522 -14.46 -8.41 0.23
C GLY A 522 -13.25 -8.36 1.13
N HIS A 523 -13.49 -8.06 2.42
CA HIS A 523 -12.38 -8.01 3.37
C HIS A 523 -11.71 -9.36 3.50
N ALA A 524 -12.49 -10.43 3.59
CA ALA A 524 -11.87 -11.75 3.76
C ALA A 524 -11.30 -12.28 2.46
N VAL A 525 -11.84 -11.88 1.31
CA VAL A 525 -11.20 -12.28 0.05
C VAL A 525 -9.87 -11.57 -0.11
N VAL A 526 -9.79 -10.31 0.29
CA VAL A 526 -8.52 -9.59 0.25
C VAL A 526 -7.57 -10.19 1.28
N ALA A 527 -8.10 -10.60 2.43
CA ALA A 527 -7.29 -11.28 3.43
C ALA A 527 -6.67 -12.55 2.85
N GLY A 528 -7.49 -13.40 2.24
CA GLY A 528 -6.98 -14.62 1.66
C GLY A 528 -5.94 -14.36 0.59
N ALA A 529 -6.24 -13.42 -0.32
CA ALA A 529 -5.32 -13.12 -1.41
C ALA A 529 -4.00 -12.56 -0.90
N CYS A 530 -4.07 -11.57 -0.01
CA CYS A 530 -2.86 -10.88 0.42
C CYS A 530 -2.03 -11.74 1.36
N VAL A 531 -2.68 -12.49 2.25
CA VAL A 531 -1.95 -13.39 3.12
C VAL A 531 -1.34 -14.53 2.32
N THR A 532 -2.02 -14.98 1.26
CA THR A 532 -1.41 -15.96 0.37
C THR A 532 -0.18 -15.38 -0.32
N ILE A 533 -0.26 -14.12 -0.76
CA ILE A 533 0.89 -13.46 -1.38
C ILE A 533 2.05 -13.41 -0.38
N LEU A 534 1.77 -13.02 0.86
CA LEU A 534 2.81 -12.89 1.87
C LEU A 534 3.42 -14.24 2.23
N LYS A 535 2.58 -15.27 2.36
CA LYS A 535 3.07 -16.60 2.71
C LYS A 535 3.90 -17.19 1.59
N ALA A 536 3.51 -16.95 0.34
CA ALA A 536 4.33 -17.40 -0.78
C ALA A 536 5.64 -16.64 -0.84
N PHE A 537 5.59 -15.32 -0.68
CA PHE A 537 6.77 -14.50 -0.87
C PHE A 537 7.74 -14.62 0.29
N PHE A 538 7.24 -14.59 1.51
CA PHE A 538 8.11 -14.66 2.68
C PHE A 538 8.38 -16.12 3.05
N ASP A 539 9.40 -16.31 3.89
CA ASP A 539 9.65 -17.63 4.47
C ASP A 539 8.57 -17.85 5.52
N SER A 540 7.43 -18.35 5.06
CA SER A 540 6.26 -18.50 5.91
C SER A 540 6.49 -19.46 7.07
N GLY A 541 7.42 -20.40 6.92
CA GLY A 541 7.71 -21.33 7.99
C GLY A 541 8.58 -20.77 9.10
N ILE A 542 9.05 -19.53 8.95
CA ILE A 542 9.90 -18.93 9.98
C ILE A 542 9.14 -18.81 11.28
N GLU A 543 9.74 -19.30 12.36
CA GLU A 543 9.14 -19.18 13.68
C GLU A 543 9.22 -17.75 14.16
N ILE A 544 8.20 -17.32 14.91
CA ILE A 544 8.18 -16.00 15.51
C ILE A 544 8.69 -16.12 16.93
N ASP A 545 9.82 -15.45 17.22
CA ASP A 545 10.47 -15.61 18.51
C ASP A 545 9.63 -14.99 19.63
N GLN A 546 9.17 -13.76 19.43
CA GLN A 546 8.43 -13.02 20.44
C GLN A 546 6.94 -13.03 20.09
N VAL A 547 6.13 -13.61 20.97
CA VAL A 547 4.69 -13.65 20.82
C VAL A 547 4.08 -12.70 21.84
N PHE A 548 3.38 -11.69 21.35
CA PHE A 548 2.84 -10.64 22.20
C PHE A 548 1.33 -10.71 22.25
N GLU A 549 0.79 -10.31 23.40
CA GLU A 549 -0.64 -10.12 23.59
C GLU A 549 -0.85 -8.71 24.12
N VAL A 550 -2.03 -8.16 23.83
CA VAL A 550 -2.40 -6.87 24.41
C VAL A 550 -2.63 -7.06 25.90
N ASP A 551 -2.03 -6.20 26.72
CA ASP A 551 -2.08 -6.33 28.16
C ASP A 551 -3.51 -6.28 28.67
N LYS A 552 -3.78 -7.01 29.75
CA LYS A 552 -5.15 -7.10 30.28
C LYS A 552 -5.64 -5.76 30.80
N ASP A 553 -4.77 -4.98 31.43
CA ASP A 553 -5.16 -3.71 32.05
C ASP A 553 -4.76 -2.49 31.25
N GLU A 554 -3.52 -2.41 30.78
CA GLU A 554 -3.02 -1.21 30.12
C GLU A 554 -2.91 -1.43 28.61
N ASP A 555 -3.02 -0.33 27.87
CA ASP A 555 -2.89 -0.36 26.41
C ASP A 555 -1.42 -0.50 26.03
N LYS A 556 -0.94 -1.74 26.16
CA LYS A 556 0.44 -2.05 25.84
C LYS A 556 0.54 -3.53 25.49
N LEU A 557 1.66 -3.91 24.90
CA LEU A 557 1.93 -5.29 24.55
C LEU A 557 2.73 -5.96 25.65
N VAL A 558 2.34 -7.19 25.99
CA VAL A 558 3.06 -8.00 26.97
C VAL A 558 3.39 -9.33 26.33
N LYS A 559 4.48 -9.94 26.76
CA LYS A 559 4.84 -11.27 26.28
C LYS A 559 3.75 -12.27 26.61
N SER A 560 3.14 -12.83 25.57
CA SER A 560 2.02 -13.74 25.77
C SER A 560 2.47 -15.02 26.46
N SER A 561 1.56 -15.59 27.26
CA SER A 561 1.85 -16.81 28.00
C SER A 561 1.97 -18.03 27.10
N PHE A 562 1.62 -17.90 25.82
CA PHE A 562 1.71 -19.00 24.87
C PHE A 562 3.12 -19.57 24.83
N LYS A 563 3.27 -20.82 25.27
CA LYS A 563 4.58 -21.46 25.35
C LYS A 563 4.96 -22.19 24.06
N GLY A 564 4.05 -22.29 23.10
CA GLY A 564 4.35 -22.92 21.84
C GLY A 564 5.08 -21.98 20.90
N THR A 565 5.22 -22.43 19.65
CA THR A 565 5.89 -21.66 18.62
C THR A 565 4.88 -21.20 17.58
N LEU A 566 5.01 -19.96 17.14
CA LEU A 566 4.18 -19.40 16.09
C LEU A 566 5.03 -19.19 14.84
N THR A 567 4.54 -19.68 13.71
CA THR A 567 5.21 -19.46 12.45
C THR A 567 4.69 -18.19 11.79
N VAL A 568 5.44 -17.71 10.81
CA VAL A 568 4.98 -16.57 10.01
C VAL A 568 3.71 -16.95 9.26
N ALA A 569 3.67 -18.16 8.70
CA ALA A 569 2.48 -18.62 8.01
C ALA A 569 1.28 -18.69 8.95
N GLY A 570 1.48 -19.23 10.15
CA GLY A 570 0.38 -19.32 11.10
C GLY A 570 -0.13 -17.95 11.52
N GLU A 571 0.78 -17.02 11.76
CA GLU A 571 0.35 -15.69 12.18
C GLU A 571 -0.26 -14.89 11.03
N LEU A 572 0.17 -15.16 9.79
CA LEU A 572 -0.47 -14.52 8.64
C LEU A 572 -1.89 -15.07 8.44
N ASN A 573 -2.06 -16.39 8.59
CA ASN A 573 -3.41 -16.95 8.55
C ASN A 573 -4.26 -16.39 9.67
N LYS A 574 -3.66 -16.21 10.85
CA LYS A 574 -4.36 -15.61 11.97
C LYS A 574 -4.76 -14.17 11.66
N LEU A 575 -3.90 -13.42 10.97
CA LEU A 575 -4.26 -12.07 10.57
C LEU A 575 -5.41 -12.06 9.58
N ALA A 576 -5.35 -12.96 8.59
CA ALA A 576 -6.42 -13.05 7.60
C ALA A 576 -7.76 -13.33 8.26
N ASP A 577 -7.80 -14.33 9.13
CA ASP A 577 -9.07 -14.62 9.78
C ASP A 577 -9.37 -13.67 10.93
N ASN A 578 -8.39 -12.90 11.42
CA ASN A 578 -8.70 -11.80 12.32
C ASN A 578 -9.50 -10.73 11.60
N ILE A 579 -9.08 -10.40 10.37
CA ILE A 579 -9.87 -9.47 9.55
C ILE A 579 -11.24 -10.07 9.25
N ALA A 580 -11.26 -11.35 8.88
CA ALA A 580 -12.52 -12.00 8.53
C ALA A 580 -13.49 -12.03 9.71
N ILE A 581 -13.03 -12.43 10.89
CA ILE A 581 -13.92 -12.50 12.04
C ILE A 581 -14.08 -11.14 12.69
N GLY A 582 -13.29 -10.14 12.31
CA GLY A 582 -13.66 -8.78 12.63
C GLY A 582 -14.85 -8.32 11.83
N ARG A 583 -14.91 -8.70 10.55
CA ARG A 583 -16.11 -8.46 9.76
C ARG A 583 -17.30 -9.21 10.35
N ASN A 584 -17.08 -10.45 10.80
CA ASN A 584 -18.12 -11.16 11.53
C ASN A 584 -18.50 -10.42 12.81
N MET A 585 -17.51 -9.86 13.50
CA MET A 585 -17.72 -9.17 14.77
C MET A 585 -18.58 -7.92 14.59
N ALA A 586 -18.48 -7.26 13.44
CA ALA A 586 -19.31 -6.10 13.17
C ALA A 586 -20.77 -6.47 12.95
N GLY A 587 -21.06 -7.75 12.76
CA GLY A 587 -22.38 -8.17 12.37
C GLY A 587 -22.63 -8.11 10.88
N VAL A 588 -21.59 -7.91 10.08
CA VAL A 588 -21.75 -7.74 8.64
C VAL A 588 -21.44 -9.00 7.85
N HIS A 589 -21.02 -10.07 8.50
CA HIS A 589 -20.66 -11.28 7.79
C HIS A 589 -20.91 -12.51 8.65
N TYR A 590 -21.29 -13.59 7.99
CA TYR A 590 -21.33 -14.91 8.59
C TYR A 590 -19.97 -15.59 8.43
N PHE A 591 -19.77 -16.66 9.19
CA PHE A 591 -18.48 -17.34 9.16
C PHE A 591 -18.20 -17.98 7.81
N SER A 592 -19.21 -18.59 7.19
CA SER A 592 -18.99 -19.26 5.91
C SER A 592 -18.59 -18.24 4.84
N ASP A 593 -19.19 -17.06 4.87
CA ASP A 593 -18.75 -15.99 3.98
C ASP A 593 -17.25 -15.78 4.09
N GLN A 594 -16.77 -15.65 5.34
CA GLN A 594 -15.36 -15.37 5.57
C GLN A 594 -14.48 -16.51 5.08
N PHE A 595 -14.81 -17.75 5.45
CA PHE A 595 -13.94 -18.85 5.10
C PHE A 595 -13.91 -19.06 3.58
N GLU A 596 -15.08 -19.06 2.95
CA GLU A 596 -15.12 -19.32 1.52
C GLU A 596 -14.51 -18.17 0.73
N SER A 597 -14.65 -16.93 1.19
CA SER A 597 -13.99 -15.85 0.48
C SER A 597 -12.49 -15.81 0.77
N LEU A 598 -12.05 -16.31 1.92
CA LEU A 598 -10.62 -16.51 2.13
C LEU A 598 -10.07 -17.53 1.14
N LEU A 599 -10.81 -18.61 0.91
CA LEU A 599 -10.41 -19.59 -0.11
C LEU A 599 -10.41 -18.97 -1.50
N LEU A 600 -11.43 -18.15 -1.80
CA LEU A 600 -11.48 -17.46 -3.08
C LEU A 600 -10.29 -16.53 -3.27
N GLY A 601 -9.93 -15.81 -2.20
CA GLY A 601 -8.77 -14.93 -2.27
C GLY A 601 -7.48 -15.70 -2.45
N GLU A 602 -7.36 -16.86 -1.80
CA GLU A 602 -6.20 -17.70 -2.02
C GLU A 602 -6.12 -18.15 -3.47
N GLN A 603 -7.27 -18.50 -4.06
CA GLN A 603 -7.29 -18.85 -5.48
C GLN A 603 -6.86 -17.68 -6.35
N VAL A 604 -7.36 -16.48 -6.04
CA VAL A 604 -6.98 -15.28 -6.78
C VAL A 604 -5.47 -15.08 -6.71
N ALA A 605 -4.93 -15.15 -5.50
CA ALA A 605 -3.51 -14.90 -5.30
C ALA A 605 -2.66 -15.95 -5.99
N ILE A 606 -3.07 -17.21 -5.91
CA ILE A 606 -2.31 -18.26 -6.58
C ILE A 606 -2.32 -18.06 -8.08
N GLY A 607 -3.49 -17.73 -8.65
CA GLY A 607 -3.53 -17.46 -10.09
C GLY A 607 -2.65 -16.30 -10.48
N ILE A 608 -2.72 -15.21 -9.71
CA ILE A 608 -1.87 -14.05 -9.99
C ILE A 608 -0.40 -14.44 -9.92
N LEU A 609 -0.04 -15.26 -8.94
CA LEU A 609 1.36 -15.68 -8.81
C LEU A 609 1.80 -16.52 -10.00
N GLU A 610 0.95 -17.44 -10.47
CA GLU A 610 1.32 -18.22 -11.66
C GLU A 610 1.48 -17.32 -12.88
N GLU A 611 0.59 -16.34 -13.06
CA GLU A 611 0.75 -15.46 -14.21
C GLU A 611 1.97 -14.56 -14.09
N GLN A 612 2.33 -14.13 -12.88
CA GLN A 612 3.54 -13.34 -12.73
C GLN A 612 4.80 -14.17 -12.89
N SER A 613 4.74 -15.46 -12.54
CA SER A 613 5.92 -16.32 -12.68
C SER A 613 6.39 -16.43 -14.12
N LEU A 614 5.51 -16.18 -15.09
CA LEU A 614 5.91 -16.17 -16.49
C LEU A 614 6.72 -14.92 -16.85
N THR A 615 6.70 -13.89 -16.01
CA THR A 615 7.36 -12.64 -16.31
C THR A 615 8.82 -12.59 -15.87
N TYR A 616 9.28 -13.59 -15.12
CA TYR A 616 10.64 -13.60 -14.57
C TYR A 616 11.48 -14.64 -15.29
N GLY A 617 12.64 -14.22 -15.77
CA GLY A 617 13.60 -15.16 -16.32
C GLY A 617 14.43 -15.89 -15.30
N GLU A 618 14.36 -15.46 -14.05
CA GLU A 618 15.09 -16.13 -12.98
C GLU A 618 14.48 -17.50 -12.68
N ASN A 619 15.34 -18.45 -12.36
CA ASN A 619 14.88 -19.79 -11.95
C ASN A 619 14.50 -19.74 -10.48
N PHE A 620 13.20 -19.77 -10.22
CA PHE A 620 12.69 -19.62 -8.86
C PHE A 620 11.27 -20.15 -8.82
N PHE A 621 10.75 -20.27 -7.59
CA PHE A 621 9.34 -20.54 -7.38
C PHE A 621 8.95 -20.02 -6.01
N PHE A 622 7.66 -19.72 -5.86
CA PHE A 622 7.10 -19.36 -4.57
C PHE A 622 6.68 -20.62 -3.83
N ASN A 623 7.11 -20.75 -2.59
CA ASN A 623 6.67 -21.84 -1.72
C ASN A 623 5.46 -21.36 -0.96
N LEU A 624 4.27 -21.72 -1.42
CA LEU A 624 3.03 -21.21 -0.87
C LEU A 624 2.28 -22.30 -0.12
N PRO A 625 2.22 -22.25 1.22
CA PRO A 625 1.33 -23.15 1.95
C PRO A 625 -0.11 -22.67 1.84
N LYS A 626 -0.96 -23.50 1.27
CA LYS A 626 -2.35 -23.13 1.10
C LYS A 626 -3.10 -23.25 2.43
N PHE A 627 -4.35 -22.77 2.44
CA PHE A 627 -5.16 -22.82 3.64
C PHE A 627 -5.59 -24.25 4.00
N ASP A 628 -5.51 -25.18 3.06
CA ASP A 628 -5.91 -26.56 3.31
C ASP A 628 -4.77 -27.43 3.81
N GLY A 629 -3.61 -26.85 4.08
CA GLY A 629 -2.47 -27.57 4.60
C GLY A 629 -1.44 -27.98 3.58
N THR A 630 -1.81 -28.01 2.30
CA THR A 630 -0.87 -28.36 1.25
C THR A 630 -0.06 -27.14 0.83
N THR A 631 1.03 -27.39 0.11
CA THR A 631 1.90 -26.36 -0.40
C THR A 631 1.98 -26.46 -1.91
N ILE A 632 1.82 -25.32 -2.58
CA ILE A 632 1.93 -25.23 -4.03
C ILE A 632 3.19 -24.43 -4.36
N GLN A 633 3.92 -24.88 -5.38
CA GLN A 633 5.13 -24.22 -5.83
C GLN A 633 4.80 -23.37 -7.05
N ILE A 634 5.08 -22.08 -6.97
CA ILE A 634 4.75 -21.17 -8.06
C ILE A 634 5.99 -20.47 -8.60
N GLN B 45 -19.70 -14.27 -26.98
CA GLN B 45 -18.60 -15.13 -26.57
C GLN B 45 -18.71 -15.50 -25.09
N SER B 46 -17.76 -16.31 -24.62
CA SER B 46 -17.75 -16.71 -23.23
C SER B 46 -17.11 -15.64 -22.36
N ARG B 47 -17.40 -15.70 -21.06
CA ARG B 47 -16.75 -14.78 -20.12
C ARG B 47 -15.25 -15.02 -20.07
N ALA B 48 -14.83 -16.29 -20.08
CA ALA B 48 -13.40 -16.58 -20.13
C ALA B 48 -12.78 -16.10 -21.43
N LYS B 49 -13.48 -16.31 -22.55
CA LYS B 49 -12.98 -15.81 -23.83
C LYS B 49 -12.94 -14.30 -23.84
N ALA B 50 -13.95 -13.64 -23.25
CA ALA B 50 -13.94 -12.19 -23.19
C ALA B 50 -12.79 -11.68 -22.34
N SER B 51 -12.51 -12.34 -21.22
CA SER B 51 -11.38 -11.95 -20.37
C SER B 51 -10.05 -12.15 -21.08
N PHE B 52 -9.89 -13.28 -21.76
CA PHE B 52 -8.67 -13.51 -22.52
C PHE B 52 -8.52 -12.49 -23.62
N ASP B 53 -9.62 -12.15 -24.31
CA ASP B 53 -9.57 -11.15 -25.37
C ASP B 53 -9.26 -9.77 -24.82
N THR B 54 -9.78 -9.43 -23.64
CA THR B 54 -9.46 -8.15 -23.02
C THR B 54 -7.98 -8.09 -22.66
N ARG B 55 -7.44 -9.17 -22.10
CA ARG B 55 -6.02 -9.19 -21.75
C ARG B 55 -5.15 -9.13 -23.01
N VAL B 56 -5.54 -9.84 -24.07
CA VAL B 56 -4.80 -9.78 -25.31
C VAL B 56 -4.92 -8.41 -25.96
N ALA B 57 -6.07 -7.74 -25.82
CA ALA B 57 -6.22 -6.39 -26.33
C ALA B 57 -5.33 -5.42 -25.56
N ALA B 58 -5.20 -5.61 -24.25
CA ALA B 58 -4.26 -4.80 -23.48
C ALA B 58 -2.83 -5.06 -23.92
N ALA B 59 -2.48 -6.33 -24.14
CA ALA B 59 -1.15 -6.64 -24.62
C ALA B 59 -0.88 -6.03 -25.99
N GLU B 60 -1.89 -6.03 -26.87
CA GLU B 60 -1.75 -5.42 -28.18
C GLU B 60 -1.66 -3.90 -28.06
N LEU B 61 -2.35 -3.32 -27.09
CA LEU B 61 -2.21 -1.89 -26.83
C LEU B 61 -0.79 -1.55 -26.39
N ALA B 62 -0.21 -2.38 -25.53
CA ALA B 62 1.19 -2.19 -25.13
C ALA B 62 2.12 -2.34 -26.32
N LEU B 63 1.89 -3.35 -27.15
CA LEU B 63 2.75 -3.60 -28.30
C LEU B 63 2.65 -2.47 -29.31
N ASN B 64 1.45 -1.96 -29.55
CA ASN B 64 1.20 -0.91 -30.53
C ASN B 64 1.65 0.46 -30.06
N ARG B 65 1.93 0.63 -28.77
CA ARG B 65 2.55 1.86 -28.30
C ARG B 65 3.94 2.04 -28.88
N GLY B 66 4.57 0.95 -29.31
CA GLY B 66 5.89 1.01 -29.89
C GLY B 66 6.98 1.08 -28.83
N VAL B 67 8.20 0.76 -29.26
CA VAL B 67 9.37 0.83 -28.40
C VAL B 67 10.24 1.98 -28.87
N VAL B 68 10.19 3.09 -28.14
CA VAL B 68 11.06 4.22 -28.42
C VAL B 68 12.48 3.81 -28.04
N PRO B 69 13.45 3.99 -28.92
CA PRO B 69 14.82 3.51 -28.63
C PRO B 69 15.43 4.23 -27.44
N SER B 70 16.19 3.48 -26.65
CA SER B 70 16.87 4.01 -25.47
C SER B 70 18.32 4.29 -25.83
N PHE B 71 18.67 5.57 -25.91
CA PHE B 71 20.03 5.99 -26.19
C PHE B 71 20.71 6.42 -24.90
N ALA B 72 21.99 6.10 -24.79
CA ALA B 72 22.80 6.58 -23.68
C ALA B 72 23.70 7.70 -24.17
N ASN B 73 24.50 8.25 -23.25
CA ASN B 73 25.33 9.41 -23.56
C ASN B 73 26.69 9.04 -24.13
N GLY B 74 26.98 7.75 -24.27
CA GLY B 74 28.27 7.32 -24.77
C GLY B 74 29.42 7.47 -23.79
N GLU B 75 29.14 7.85 -22.54
CA GLU B 75 30.19 8.00 -21.54
C GLU B 75 30.84 6.68 -21.16
N GLU B 76 30.18 5.55 -21.44
CA GLU B 76 30.71 4.27 -21.01
C GLU B 76 32.06 3.98 -21.64
N LEU B 77 32.22 4.27 -22.94
CA LEU B 77 33.44 3.95 -23.65
C LEU B 77 34.22 5.17 -24.10
N LEU B 78 33.70 6.39 -23.94
CA LEU B 78 34.39 7.55 -24.46
C LEU B 78 35.50 8.00 -23.51
N TYR B 79 35.41 7.64 -22.24
CA TYR B 79 36.47 7.91 -21.28
C TYR B 79 37.40 6.71 -21.18
N ARG B 80 38.70 6.94 -21.38
CA ARG B 80 39.67 5.87 -21.48
C ARG B 80 40.63 5.91 -20.30
N ASN B 81 41.36 4.81 -20.13
CA ASN B 81 42.36 4.74 -19.08
C ASN B 81 43.46 5.78 -19.36
N PRO B 82 43.84 6.58 -18.36
CA PRO B 82 44.83 7.63 -18.61
C PRO B 82 46.22 7.11 -18.97
N ASP B 83 46.53 5.86 -18.65
CA ASP B 83 47.85 5.32 -18.94
C ASP B 83 48.05 5.24 -20.45
N PRO B 84 49.19 5.71 -20.97
CA PRO B 84 49.41 5.61 -22.43
C PRO B 84 49.40 4.19 -22.95
N ASP B 85 49.94 3.25 -22.19
CA ASP B 85 49.95 1.85 -22.59
C ASP B 85 48.57 1.19 -22.54
N ASN B 86 47.65 1.74 -21.76
CA ASN B 86 46.33 1.15 -21.56
C ASN B 86 45.30 1.95 -22.35
N THR B 87 44.71 1.31 -23.37
CA THR B 87 43.68 1.93 -24.17
C THR B 87 42.29 1.40 -23.85
N ASP B 88 42.10 0.81 -22.67
CA ASP B 88 40.80 0.32 -22.28
C ASP B 88 39.96 1.44 -21.69
N PRO B 89 38.63 1.32 -21.72
CA PRO B 89 37.79 2.35 -21.12
C PRO B 89 37.99 2.41 -19.61
N SER B 90 38.02 3.64 -19.08
CA SER B 90 38.15 3.82 -17.65
C SER B 90 36.84 3.55 -16.93
N PHE B 91 35.70 3.74 -17.61
CA PHE B 91 34.37 3.53 -17.04
C PHE B 91 34.12 4.42 -15.83
N ILE B 92 34.76 5.59 -15.81
CA ILE B 92 34.63 6.48 -14.65
C ILE B 92 33.22 7.04 -14.53
N ALA B 93 32.58 7.36 -15.66
CA ALA B 93 31.21 7.85 -15.64
C ALA B 93 30.19 6.74 -15.55
N SER B 94 30.62 5.48 -15.66
CA SER B 94 29.72 4.35 -15.58
C SER B 94 29.54 3.93 -14.13
N PHE B 95 28.35 3.40 -13.84
CA PHE B 95 28.08 2.88 -12.51
C PHE B 95 28.96 1.66 -12.26
N THR B 96 30.00 1.83 -11.47
CA THR B 96 30.96 0.78 -11.20
C THR B 96 30.93 0.30 -9.75
N LYS B 97 29.92 0.72 -8.99
CA LYS B 97 29.84 0.37 -7.58
C LYS B 97 29.76 -1.14 -7.41
N GLY B 98 30.58 -1.66 -6.49
CA GLY B 98 30.67 -3.07 -6.22
C GLY B 98 31.83 -3.75 -6.92
N LEU B 99 32.26 -3.22 -8.05
CA LEU B 99 33.47 -3.71 -8.68
C LEU B 99 34.69 -3.15 -7.97
N PRO B 100 35.80 -3.89 -7.96
CA PRO B 100 37.01 -3.36 -7.31
C PRO B 100 37.48 -2.08 -7.96
N HIS B 101 37.95 -1.16 -7.14
CA HIS B 101 38.44 0.14 -7.59
C HIS B 101 39.87 0.35 -7.09
N ASP B 102 40.65 1.09 -7.86
CA ASP B 102 41.96 1.50 -7.38
C ASP B 102 41.80 2.64 -6.37
N ASP B 103 42.93 3.16 -5.89
CA ASP B 103 42.89 4.19 -4.85
C ASP B 103 42.30 5.49 -5.35
N ASN B 104 42.15 5.65 -6.67
CA ASN B 104 41.67 6.90 -7.25
C ASN B 104 40.20 6.85 -7.62
N GLY B 105 39.50 5.75 -7.37
CA GLY B 105 38.08 5.66 -7.62
C GLY B 105 37.68 4.99 -8.92
N ALA B 106 38.62 4.76 -9.83
CA ALA B 106 38.34 4.03 -11.06
C ALA B 106 38.51 2.54 -10.83
N ILE B 107 37.84 1.74 -11.66
CA ILE B 107 37.96 0.30 -11.55
C ILE B 107 39.35 -0.13 -12.01
N ILE B 108 39.83 -1.25 -11.44
CA ILE B 108 41.15 -1.75 -11.81
C ILE B 108 41.07 -2.56 -13.09
N ASP B 109 40.01 -3.35 -13.24
CA ASP B 109 39.84 -4.22 -14.41
C ASP B 109 38.57 -3.84 -15.15
N PRO B 110 38.67 -3.24 -16.34
CA PRO B 110 37.46 -2.97 -17.12
C PRO B 110 36.72 -4.23 -17.54
N ASP B 111 37.43 -5.36 -17.61
CA ASP B 111 36.77 -6.63 -17.89
C ASP B 111 35.75 -6.98 -16.82
N ASP B 112 35.99 -6.55 -15.58
CA ASP B 112 34.99 -6.73 -14.53
C ASP B 112 33.70 -5.98 -14.85
N PHE B 113 33.82 -4.74 -15.31
CA PHE B 113 32.62 -3.99 -15.67
C PHE B 113 31.94 -4.57 -16.91
N LEU B 114 32.74 -5.07 -17.86
CA LEU B 114 32.15 -5.69 -19.05
C LEU B 114 31.38 -6.95 -18.68
N ALA B 115 31.93 -7.74 -17.76
CA ALA B 115 31.20 -8.90 -17.25
C ALA B 115 29.94 -8.47 -16.51
N PHE B 116 30.02 -7.35 -15.77
CA PHE B 116 28.84 -6.83 -15.09
C PHE B 116 27.75 -6.47 -16.10
N VAL B 117 28.13 -5.83 -17.20
CA VAL B 117 27.17 -5.45 -18.23
C VAL B 117 26.58 -6.70 -18.90
N ARG B 118 27.43 -7.71 -19.15
CA ARG B 118 26.94 -8.95 -19.71
C ARG B 118 25.94 -9.62 -18.78
N ALA B 119 26.21 -9.61 -17.47
CA ALA B 119 25.27 -10.17 -16.51
C ALA B 119 23.99 -9.37 -16.45
N ILE B 120 24.08 -8.05 -16.59
CA ILE B 120 22.89 -7.21 -16.64
C ILE B 120 22.01 -7.60 -17.82
N ASN B 121 22.64 -7.76 -18.99
CA ASN B 121 21.88 -8.03 -20.20
C ASN B 121 21.36 -9.47 -20.26
N SER B 122 22.06 -10.40 -19.63
CA SER B 122 21.63 -11.79 -19.68
C SER B 122 20.58 -12.10 -18.62
N GLY B 123 20.79 -11.62 -17.40
CA GLY B 123 19.90 -11.91 -16.31
C GLY B 123 20.10 -13.25 -15.64
N ASP B 124 21.11 -14.01 -16.05
CA ASP B 124 21.33 -15.33 -15.47
C ASP B 124 21.83 -15.22 -14.04
N GLU B 125 21.24 -16.04 -13.15
CA GLU B 125 21.63 -16.02 -11.76
C GLU B 125 23.10 -16.42 -11.58
N LYS B 126 23.51 -17.49 -12.27
CA LYS B 126 24.89 -17.95 -12.15
C LYS B 126 25.87 -16.93 -12.69
N GLU B 127 25.54 -16.30 -13.82
CA GLU B 127 26.45 -15.32 -14.39
C GLU B 127 26.60 -14.10 -13.49
N ILE B 128 25.51 -13.67 -12.85
CA ILE B 128 25.61 -12.60 -11.85
C ILE B 128 26.45 -13.04 -10.66
N ALA B 129 26.27 -14.29 -10.23
CA ALA B 129 27.05 -14.81 -9.13
C ALA B 129 28.54 -14.87 -9.47
N ASP B 130 28.87 -15.11 -10.74
CA ASP B 130 30.26 -15.15 -11.16
C ASP B 130 30.91 -13.76 -11.21
N LEU B 131 30.13 -12.70 -11.08
CA LEU B 131 30.71 -11.36 -11.08
C LEU B 131 31.57 -11.15 -9.85
N THR B 132 32.71 -10.52 -10.05
CA THR B 132 33.58 -10.12 -8.96
C THR B 132 32.96 -8.91 -8.27
N LEU B 133 32.39 -9.13 -7.09
CA LEU B 133 31.74 -8.09 -6.31
C LEU B 133 32.57 -7.83 -5.07
N GLY B 134 33.00 -6.59 -4.89
CA GLY B 134 33.82 -6.23 -3.76
C GLY B 134 35.29 -6.40 -4.03
N PRO B 135 36.11 -6.07 -3.05
CA PRO B 135 37.56 -6.17 -3.22
C PRO B 135 38.03 -7.59 -2.98
N ALA B 136 39.35 -7.77 -2.99
CA ALA B 136 39.94 -9.08 -2.70
C ALA B 136 39.61 -9.48 -1.27
N ARG B 137 39.31 -10.76 -1.09
CA ARG B 137 38.92 -11.27 0.21
C ARG B 137 40.13 -11.83 0.97
N ASP B 138 39.99 -11.90 2.29
CA ASP B 138 41.01 -12.51 3.12
C ASP B 138 41.03 -14.02 2.89
N PRO B 139 42.18 -14.60 2.56
CA PRO B 139 42.22 -16.06 2.36
C PRO B 139 41.86 -16.84 3.61
N GLU B 140 42.16 -16.31 4.80
CA GLU B 140 41.95 -17.06 6.03
C GLU B 140 40.53 -16.89 6.56
N THR B 141 40.00 -15.66 6.51
CA THR B 141 38.67 -15.41 7.07
C THR B 141 37.58 -15.35 6.01
N GLY B 142 37.95 -15.15 4.74
CA GLY B 142 36.95 -15.05 3.70
C GLY B 142 36.30 -13.69 3.59
N LEU B 143 36.67 -12.75 4.44
CA LEU B 143 36.11 -11.41 4.42
C LEU B 143 36.91 -10.50 3.50
N PRO B 144 36.24 -9.60 2.78
CA PRO B 144 36.96 -8.70 1.88
C PRO B 144 37.85 -7.74 2.64
N ILE B 145 38.96 -7.35 2.02
CA ILE B 145 39.93 -6.46 2.63
C ILE B 145 39.53 -5.04 2.28
N TRP B 146 38.97 -4.33 3.24
CA TRP B 146 38.51 -2.97 3.05
C TRP B 146 39.66 -1.99 3.24
N ARG B 147 39.70 -0.96 2.41
CA ARG B 147 40.72 0.07 2.54
C ARG B 147 40.57 0.84 3.86
N SER B 148 39.36 1.30 4.15
CA SER B 148 39.14 2.04 5.38
C SER B 148 39.18 1.12 6.59
N ASP B 149 39.71 1.64 7.70
CA ASP B 149 39.71 0.88 8.94
C ASP B 149 38.32 0.77 9.54
N LEU B 150 37.41 1.69 9.19
CA LEU B 150 36.04 1.60 9.70
C LEU B 150 35.33 0.36 9.15
N ALA B 151 35.46 0.10 7.86
CA ALA B 151 34.79 -1.06 7.28
C ALA B 151 35.47 -2.37 7.67
N ASN B 152 36.78 -2.32 7.93
CA ASN B 152 37.47 -3.52 8.39
C ASN B 152 37.13 -3.83 9.85
N SER B 153 37.01 -2.80 10.68
CA SER B 153 36.67 -3.01 12.09
C SER B 153 35.23 -3.48 12.24
N LEU B 154 34.37 -3.12 11.28
CA LEU B 154 33.00 -3.59 11.30
C LEU B 154 32.85 -5.00 10.72
N GLU B 155 33.93 -5.58 10.19
CA GLU B 155 33.86 -6.86 9.49
C GLU B 155 32.80 -6.83 8.40
N LEU B 156 32.75 -5.72 7.66
CA LEU B 156 31.71 -5.52 6.67
C LEU B 156 31.82 -6.53 5.55
N GLU B 157 30.67 -7.02 5.09
CA GLU B 157 30.60 -7.85 3.91
C GLU B 157 30.23 -6.99 2.71
N VAL B 158 30.03 -7.63 1.59
CA VAL B 158 29.68 -6.92 0.37
C VAL B 158 28.16 -6.86 0.24
N ARG B 159 27.69 -5.84 -0.46
CA ARG B 159 26.30 -5.72 -0.85
C ARG B 159 26.21 -5.86 -2.36
N GLY B 160 25.26 -6.67 -2.82
CA GLY B 160 25.11 -6.92 -4.23
C GLY B 160 24.32 -5.83 -4.93
N TRP B 161 24.31 -5.92 -6.25
CA TRP B 161 23.55 -4.98 -7.05
C TRP B 161 22.06 -5.23 -6.86
N GLU B 162 21.31 -4.16 -6.63
CA GLU B 162 19.88 -4.26 -6.36
C GLU B 162 19.16 -4.49 -7.68
N ASN B 163 18.92 -5.77 -7.99
CA ASN B 163 18.15 -6.18 -9.16
C ASN B 163 18.76 -5.63 -10.45
N SER B 164 19.97 -6.09 -10.74
CA SER B 164 20.67 -5.66 -11.95
C SER B 164 19.99 -6.13 -13.23
N SER B 165 19.04 -7.07 -13.13
CA SER B 165 18.35 -7.60 -14.30
C SER B 165 16.84 -7.48 -14.18
N ALA B 166 16.36 -6.64 -13.28
CA ALA B 166 14.91 -6.43 -13.16
C ALA B 166 14.33 -5.75 -14.39
N GLY B 167 15.17 -5.11 -15.20
CA GLY B 167 14.68 -4.50 -16.43
C GLY B 167 14.33 -5.49 -17.50
N LEU B 168 14.89 -6.70 -17.45
CA LEU B 168 14.49 -7.75 -18.37
C LEU B 168 13.18 -8.40 -17.98
N THR B 169 12.70 -8.15 -16.77
CA THR B 169 11.43 -8.72 -16.33
C THR B 169 10.28 -8.13 -17.12
N PHE B 170 9.41 -9.00 -17.62
CA PHE B 170 8.22 -8.55 -18.31
C PHE B 170 7.15 -8.15 -17.30
N ASP B 171 6.06 -7.60 -17.82
CA ASP B 171 4.94 -7.17 -16.98
C ASP B 171 3.63 -7.46 -17.69
N LEU B 172 2.62 -7.81 -16.90
CA LEU B 172 1.31 -8.17 -17.45
C LEU B 172 0.38 -6.98 -17.59
N GLU B 173 0.77 -5.81 -17.08
CA GLU B 173 -0.07 -4.63 -17.16
C GLU B 173 0.82 -3.42 -17.40
N GLY B 174 0.52 -2.67 -18.46
CA GLY B 174 1.25 -1.46 -18.75
C GLY B 174 2.42 -1.69 -19.67
N PRO B 175 3.21 -0.65 -19.90
CA PRO B 175 4.33 -0.75 -20.86
C PRO B 175 5.39 -1.71 -20.37
N ASP B 176 6.05 -2.35 -21.33
CA ASP B 176 7.23 -3.14 -21.02
C ASP B 176 8.34 -2.24 -20.49
N ALA B 177 9.19 -2.81 -19.64
CA ALA B 177 10.30 -2.04 -19.08
C ALA B 177 11.18 -1.44 -20.16
N GLN B 178 11.37 -2.15 -21.26
CA GLN B 178 12.24 -1.72 -22.34
C GLN B 178 11.51 -0.99 -23.46
N SER B 179 10.19 -0.86 -23.37
CA SER B 179 9.42 -0.18 -24.41
C SER B 179 9.45 1.34 -24.28
N ILE B 180 9.88 1.86 -23.13
CA ILE B 180 9.90 3.29 -22.86
C ILE B 180 11.32 3.68 -22.51
N ALA B 181 11.78 4.79 -23.06
CA ALA B 181 13.18 5.20 -22.96
C ALA B 181 13.31 6.55 -22.27
N MET B 182 14.30 6.67 -21.49
CA MET B 182 14.74 7.96 -20.99
C MET B 182 15.77 8.55 -21.95
N PRO B 183 15.84 9.88 -22.02
CA PRO B 183 16.84 10.52 -22.87
C PRO B 183 18.24 10.25 -22.33
N PRO B 184 19.27 10.44 -23.15
CA PRO B 184 20.64 10.23 -22.65
C PRO B 184 20.93 11.13 -21.46
N ALA B 185 21.63 10.57 -20.47
CA ALA B 185 22.00 11.34 -19.30
C ALA B 185 23.03 12.39 -19.68
N PRO B 186 23.11 13.49 -18.92
CA PRO B 186 24.16 14.48 -19.18
C PRO B 186 25.54 13.87 -19.00
N VAL B 187 26.47 14.32 -19.83
CA VAL B 187 27.83 13.81 -19.75
C VAL B 187 28.61 14.54 -18.65
N LEU B 188 29.71 13.93 -18.22
CA LEU B 188 30.51 14.51 -17.15
C LEU B 188 31.09 15.86 -17.54
N THR B 189 31.29 16.10 -18.84
CA THR B 189 31.83 17.35 -19.32
C THR B 189 30.76 18.38 -19.65
N SER B 190 29.49 18.04 -19.51
CA SER B 190 28.42 18.98 -19.79
C SER B 190 28.26 19.96 -18.64
N PRO B 191 27.83 21.20 -18.94
CA PRO B 191 27.46 22.11 -17.85
C PRO B 191 26.26 21.62 -17.06
N GLU B 192 25.42 20.77 -17.65
CA GLU B 192 24.29 20.22 -16.92
C GLU B 192 24.76 19.37 -15.76
N LEU B 193 25.77 18.52 -15.98
CA LEU B 193 26.30 17.70 -14.89
C LEU B 193 27.00 18.56 -13.85
N VAL B 194 27.65 19.63 -14.29
CA VAL B 194 28.29 20.54 -13.34
C VAL B 194 27.24 21.16 -12.42
N ALA B 195 26.14 21.65 -13.01
CA ALA B 195 25.07 22.20 -12.20
C ALA B 195 24.44 21.14 -11.30
N GLU B 196 24.32 19.91 -11.81
CA GLU B 196 23.76 18.83 -11.03
C GLU B 196 24.59 18.56 -9.78
N ILE B 197 25.89 18.35 -9.96
CA ILE B 197 26.75 18.08 -8.83
C ILE B 197 26.85 19.31 -7.93
N ALA B 198 26.68 20.51 -8.50
CA ALA B 198 26.68 21.72 -7.69
C ALA B 198 25.48 21.76 -6.75
N GLU B 199 24.28 21.53 -7.28
CA GLU B 199 23.11 21.52 -6.41
C GLU B 199 23.17 20.35 -5.44
N LEU B 200 23.79 19.25 -5.85
CA LEU B 200 23.99 18.12 -4.94
C LEU B 200 24.86 18.52 -3.75
N TYR B 201 25.99 19.16 -4.03
CA TYR B 201 26.88 19.59 -2.95
C TYR B 201 26.21 20.67 -2.09
N LEU B 202 25.43 21.55 -2.70
CA LEU B 202 24.75 22.59 -1.95
C LEU B 202 23.67 21.98 -1.03
N MET B 203 22.96 20.97 -1.52
CA MET B 203 22.02 20.25 -0.66
C MET B 203 22.74 19.54 0.47
N ALA B 204 23.89 18.93 0.17
CA ALA B 204 24.65 18.23 1.20
C ALA B 204 25.14 19.19 2.27
N LEU B 205 25.63 20.37 1.87
CA LEU B 205 26.03 21.38 2.83
C LEU B 205 24.82 22.02 3.50
N GLY B 206 23.65 21.87 2.91
CA GLY B 206 22.45 22.47 3.45
C GLY B 206 21.48 21.48 4.07
N ARG B 207 21.98 20.30 4.44
CA ARG B 207 21.10 19.26 4.96
C ARG B 207 20.49 19.62 6.30
N GLU B 208 21.09 20.53 7.05
CA GLU B 208 20.57 20.92 8.36
C GLU B 208 19.66 22.14 8.30
N ILE B 209 19.28 22.56 7.10
CA ILE B 209 18.51 23.79 6.93
C ILE B 209 17.05 23.44 6.71
N GLU B 210 16.18 24.09 7.49
CA GLU B 210 14.76 23.79 7.46
C GLU B 210 14.12 24.29 6.18
N PHE B 211 13.14 23.54 5.67
CA PHE B 211 12.41 23.95 4.47
C PHE B 211 11.61 25.20 4.73
N SER B 212 11.20 25.44 5.97
CA SER B 212 10.46 26.64 6.31
C SER B 212 11.39 27.82 6.59
N GLU B 213 12.71 27.63 6.47
CA GLU B 213 13.69 28.67 6.75
C GLU B 213 14.59 28.93 5.56
N PHE B 214 14.16 28.57 4.35
CA PHE B 214 14.91 28.92 3.15
C PHE B 214 15.00 30.43 2.97
N ASP B 215 13.90 31.12 3.24
CA ASP B 215 13.84 32.57 3.16
C ASP B 215 14.02 33.25 4.51
N SER B 216 14.80 32.66 5.41
CA SER B 216 14.97 33.22 6.74
C SER B 216 16.40 33.74 6.91
N PRO B 217 16.57 34.80 7.72
CA PRO B 217 17.92 35.37 7.88
C PRO B 217 18.94 34.41 8.48
N LYS B 218 18.52 33.48 9.34
CA LYS B 218 19.46 32.57 9.97
C LYS B 218 20.11 31.65 8.93
N ASN B 219 19.42 31.38 7.84
CA ASN B 219 19.96 30.57 6.75
C ASN B 219 20.27 31.40 5.51
N ALA B 220 20.14 32.72 5.60
CA ALA B 220 20.24 33.57 4.43
C ALA B 220 21.64 33.50 3.82
N GLU B 221 22.67 33.39 4.65
CA GLU B 221 24.03 33.30 4.14
C GLU B 221 24.18 32.10 3.21
N TYR B 222 23.80 30.92 3.68
CA TYR B 222 23.95 29.73 2.87
C TYR B 222 23.03 29.76 1.66
N ILE B 223 21.80 30.24 1.85
CA ILE B 223 20.84 30.24 0.75
C ILE B 223 21.30 31.18 -0.36
N GLN B 224 21.79 32.36 0.00
CA GLN B 224 22.35 33.26 -1.00
C GLN B 224 23.60 32.69 -1.64
N PHE B 225 24.44 32.00 -0.85
CA PHE B 225 25.58 31.32 -1.43
C PHE B 225 25.15 30.33 -2.50
N ALA B 226 24.18 29.48 -2.18
CA ALA B 226 23.71 28.47 -3.11
C ALA B 226 23.07 29.10 -4.35
N ILE B 227 22.27 30.15 -4.14
CA ILE B 227 21.60 30.81 -5.26
C ILE B 227 22.63 31.46 -6.18
N ASP B 228 23.63 32.13 -5.61
CA ASP B 228 24.64 32.79 -6.43
C ASP B 228 25.54 31.77 -7.12
N GLN B 229 25.77 30.62 -6.48
CA GLN B 229 26.61 29.60 -7.09
C GLN B 229 25.88 28.91 -8.24
N LEU B 230 24.60 28.62 -8.06
CA LEU B 230 23.82 28.01 -9.13
C LEU B 230 23.61 28.99 -10.29
N ASN B 231 23.30 30.24 -9.97
CA ASN B 231 23.12 31.24 -11.01
C ASN B 231 24.42 31.62 -11.70
N GLY B 232 25.56 31.27 -11.10
CA GLY B 232 26.85 31.41 -11.74
C GLY B 232 27.20 30.29 -12.68
N LEU B 233 26.31 29.30 -12.82
CA LEU B 233 26.55 28.13 -13.66
C LEU B 233 25.85 28.29 -15.00
N GLU B 234 26.52 27.82 -16.05
CA GLU B 234 25.98 27.97 -17.41
C GLU B 234 24.60 27.33 -17.53
N TRP B 235 24.37 26.21 -16.85
CA TRP B 235 23.11 25.51 -16.97
C TRP B 235 21.94 26.34 -16.48
N PHE B 236 22.17 27.23 -15.51
CA PHE B 236 21.08 27.98 -14.91
C PHE B 236 20.94 29.38 -15.48
N ASN B 237 22.04 30.13 -15.61
CA ASN B 237 21.97 31.49 -16.12
C ASN B 237 21.79 31.56 -17.63
N THR B 238 22.13 30.50 -18.36
CA THR B 238 22.00 30.49 -19.81
C THR B 238 20.85 29.59 -20.22
N PRO B 239 19.91 30.10 -21.01
CA PRO B 239 18.81 29.25 -21.48
C PRO B 239 19.29 28.22 -22.47
N ALA B 240 18.44 27.20 -22.69
CA ALA B 240 18.76 26.17 -23.66
C ALA B 240 18.81 26.77 -25.06
N LYS B 241 19.81 26.36 -25.84
CA LYS B 241 20.00 26.85 -27.18
C LYS B 241 19.18 26.04 -28.18
N LEU B 242 18.89 26.67 -29.32
CA LEU B 242 18.18 25.97 -30.38
C LEU B 242 19.06 24.86 -30.95
N GLY B 243 18.43 23.72 -31.21
CA GLY B 243 19.14 22.54 -31.66
C GLY B 243 19.43 21.54 -30.56
N ASP B 244 19.28 21.92 -29.29
CA ASP B 244 19.42 20.99 -28.21
C ASP B 244 18.31 19.94 -28.27
N PRO B 245 18.54 18.74 -27.76
CA PRO B 245 17.46 17.77 -27.69
C PRO B 245 16.34 18.28 -26.81
N PRO B 246 15.08 17.97 -27.14
CA PRO B 246 13.96 18.56 -26.39
C PRO B 246 13.96 18.19 -24.92
N ALA B 247 14.50 17.04 -24.55
CA ALA B 247 14.53 16.66 -23.15
C ALA B 247 15.43 17.57 -22.33
N GLU B 248 16.61 17.89 -22.86
CA GLU B 248 17.50 18.80 -22.15
C GLU B 248 16.91 20.21 -22.06
N ILE B 249 16.19 20.63 -23.10
CA ILE B 249 15.49 21.92 -23.05
C ILE B 249 14.44 21.90 -21.96
N ARG B 250 13.66 20.82 -21.90
CA ARG B 250 12.55 20.75 -20.95
C ARG B 250 13.04 20.65 -19.52
N ARG B 251 14.14 19.95 -19.28
CA ARG B 251 14.66 19.76 -17.93
C ARG B 251 15.68 20.81 -17.51
N ARG B 252 15.96 21.79 -18.36
CA ARG B 252 16.89 22.85 -18.01
C ARG B 252 16.18 23.89 -17.15
N ARG B 253 16.62 24.03 -15.91
CA ARG B 253 16.05 25.01 -15.00
C ARG B 253 16.61 26.39 -15.29
N GLY B 254 15.81 27.41 -15.04
CA GLY B 254 16.19 28.79 -15.29
C GLY B 254 17.00 29.38 -14.16
N GLU B 255 16.70 30.64 -13.84
CA GLU B 255 17.43 31.33 -12.78
C GLU B 255 17.00 30.78 -11.42
N VAL B 256 17.97 30.46 -10.58
CA VAL B 256 17.69 29.89 -9.28
C VAL B 256 17.36 31.01 -8.29
N THR B 257 16.17 30.93 -7.71
CA THR B 257 15.73 31.87 -6.69
C THR B 257 15.43 31.10 -5.42
N VAL B 258 15.18 31.83 -4.34
CA VAL B 258 14.82 31.18 -3.08
C VAL B 258 13.50 30.43 -3.22
N GLY B 259 12.57 30.97 -4.02
CA GLY B 259 11.28 30.33 -4.20
C GLY B 259 11.31 29.05 -4.98
N ASN B 260 12.37 28.82 -5.77
CA ASN B 260 12.52 27.59 -6.53
C ASN B 260 13.82 26.88 -6.25
N LEU B 261 14.56 27.28 -5.21
CA LEU B 261 15.82 26.63 -4.90
C LEU B 261 15.57 25.21 -4.42
N PHE B 262 16.31 24.27 -5.01
CA PHE B 262 16.16 22.84 -4.73
C PHE B 262 14.75 22.34 -5.01
N ARG B 263 14.06 22.96 -5.97
CA ARG B 263 12.70 22.58 -6.31
C ARG B 263 12.65 21.98 -7.71
N GLY B 264 11.61 21.21 -7.97
CA GLY B 264 11.39 20.62 -9.26
C GLY B 264 10.78 21.61 -10.23
N ILE B 265 10.56 21.14 -11.46
CA ILE B 265 9.97 21.94 -12.51
C ILE B 265 8.60 21.41 -12.93
N LEU B 266 8.06 20.44 -12.20
CA LEU B 266 6.69 20.00 -12.45
C LEU B 266 5.71 21.11 -12.07
N PRO B 267 4.59 21.20 -12.77
CA PRO B 267 3.62 22.26 -12.46
C PRO B 267 3.00 22.06 -11.09
N GLY B 268 3.30 22.98 -10.18
CA GLY B 268 2.72 22.96 -8.85
C GLY B 268 3.71 22.72 -7.73
N SER B 269 5.00 22.61 -8.02
CA SER B 269 5.98 22.36 -6.96
C SER B 269 6.75 23.63 -6.62
N GLU B 270 6.86 24.55 -7.57
CA GLU B 270 7.55 25.81 -7.32
C GLU B 270 6.66 26.85 -6.67
N VAL B 271 5.36 26.58 -6.54
CA VAL B 271 4.40 27.53 -5.99
C VAL B 271 3.96 27.03 -4.62
N GLY B 272 4.08 27.89 -3.61
CA GLY B 272 3.65 27.57 -2.27
C GLY B 272 4.78 27.09 -1.39
N PRO B 273 4.45 26.43 -0.30
CA PRO B 273 5.49 25.89 0.60
C PRO B 273 6.28 24.80 -0.10
N TYR B 274 7.43 24.42 0.39
CA TYR B 274 8.32 23.49 -0.35
C TYR B 274 7.86 22.05 -0.22
N LEU B 275 7.59 21.70 0.97
CA LEU B 275 7.08 20.35 1.11
C LEU B 275 5.62 20.28 0.70
N SER B 276 5.25 19.19 0.03
CA SER B 276 3.86 18.97 -0.30
C SER B 276 3.04 18.78 0.96
N GLN B 277 1.77 19.17 0.90
CA GLN B 277 0.88 18.96 2.03
C GLN B 277 0.76 17.49 2.37
N TYR B 278 0.79 16.62 1.36
CA TYR B 278 0.59 15.19 1.56
C TYR B 278 1.75 14.49 2.24
N ILE B 279 2.88 15.19 2.43
CA ILE B 279 4.02 14.60 3.12
C ILE B 279 4.14 15.10 4.55
N ILE B 280 3.39 16.11 4.95
CA ILE B 280 3.51 16.68 6.29
C ILE B 280 2.18 16.64 7.03
N VAL B 281 1.09 16.98 6.35
CA VAL B 281 -0.21 17.07 7.01
C VAL B 281 -0.84 15.69 7.11
N GLY B 282 -1.73 15.53 8.08
CA GLY B 282 -2.47 14.29 8.22
C GLY B 282 -3.69 14.27 7.34
N SER B 283 -4.83 13.86 7.91
CA SER B 283 -6.06 13.76 7.14
C SER B 283 -7.22 13.80 8.12
N LYS B 284 -8.42 13.97 7.56
CA LYS B 284 -9.63 13.87 8.36
C LYS B 284 -9.66 12.52 9.07
N GLN B 285 -9.65 12.55 10.40
CA GLN B 285 -9.56 11.34 11.17
C GLN B 285 -10.93 10.64 11.24
N ILE B 286 -10.90 9.39 11.73
CA ILE B 286 -12.12 8.62 11.86
C ILE B 286 -13.06 9.29 12.84
N GLY B 287 -14.31 9.47 12.42
CA GLY B 287 -15.30 10.17 13.20
C GLY B 287 -15.59 11.58 12.75
N SER B 288 -14.77 12.13 11.84
CA SER B 288 -14.97 13.48 11.32
C SER B 288 -15.69 13.37 9.98
N ALA B 289 -16.94 12.91 10.05
CA ALA B 289 -17.75 12.69 8.87
C ALA B 289 -19.04 13.49 8.96
N THR B 290 -19.66 13.71 7.80
CA THR B 290 -20.95 14.40 7.72
C THR B 290 -22.03 13.36 7.46
N VAL B 291 -22.97 13.25 8.38
CA VAL B 291 -24.07 12.30 8.30
C VAL B 291 -25.36 13.08 8.12
N GLY B 292 -25.83 13.18 6.88
CA GLY B 292 -27.00 13.98 6.61
C GLY B 292 -26.72 15.44 6.92
N ASN B 293 -27.60 16.03 7.74
CA ASN B 293 -27.45 17.44 8.09
C ASN B 293 -26.32 17.67 9.09
N LYS B 294 -26.18 16.81 10.09
CA LYS B 294 -25.20 17.03 11.13
C LYS B 294 -23.80 16.71 10.62
N THR B 295 -22.81 17.37 11.21
CA THR B 295 -21.39 17.20 10.85
C THR B 295 -20.65 16.74 12.10
N LEU B 296 -20.49 15.43 12.23
CA LEU B 296 -19.74 14.89 13.37
C LEU B 296 -18.27 15.25 13.25
N VAL B 297 -17.67 15.62 14.38
CA VAL B 297 -16.27 15.99 14.44
C VAL B 297 -15.53 14.90 15.22
N SER B 298 -14.45 14.39 14.65
CA SER B 298 -13.68 13.37 15.32
C SER B 298 -13.06 13.94 16.59
N PRO B 299 -13.07 13.19 17.70
CA PRO B 299 -12.34 13.64 18.89
C PRO B 299 -10.85 13.79 18.64
N ASN B 300 -10.29 13.02 17.69
CA ASN B 300 -8.90 13.11 17.30
C ASN B 300 -8.70 14.03 16.08
N ALA B 301 -9.57 15.01 15.89
CA ALA B 301 -9.48 15.87 14.72
C ALA B 301 -8.16 16.66 14.71
N ALA B 302 -7.56 16.87 15.88
CA ALA B 302 -6.27 17.56 15.93
C ALA B 302 -5.17 16.72 15.28
N ASP B 303 -5.39 15.41 15.15
CA ASP B 303 -4.40 14.56 14.50
C ASP B 303 -4.23 14.91 13.03
N GLU B 304 -5.25 15.51 12.42
CA GLU B 304 -5.12 15.95 11.02
C GLU B 304 -4.01 16.99 10.89
N PHE B 305 -3.97 17.95 11.81
CA PHE B 305 -2.92 18.96 11.80
C PHE B 305 -1.69 18.54 12.59
N ASP B 306 -1.72 17.37 13.22
CA ASP B 306 -0.55 16.79 13.86
C ASP B 306 0.15 15.77 12.96
N GLY B 307 -0.09 15.81 11.66
CA GLY B 307 0.53 14.88 10.74
C GLY B 307 0.17 13.42 10.95
N GLU B 308 -1.10 13.13 11.19
CA GLU B 308 -1.57 11.77 11.42
C GLU B 308 -2.63 11.43 10.37
N ILE B 309 -2.23 10.70 9.36
CA ILE B 309 -3.14 10.23 8.33
C ILE B 309 -4.08 9.18 8.91
N ALA B 310 -5.35 9.28 8.57
CA ALA B 310 -6.33 8.25 8.94
C ALA B 310 -6.09 7.04 8.06
N TYR B 311 -5.24 6.13 8.51
CA TYR B 311 -4.92 4.91 7.78
C TYR B 311 -5.96 3.86 8.16
N GLY B 312 -7.12 3.96 7.53
CA GLY B 312 -8.24 3.15 7.98
C GLY B 312 -8.61 3.53 9.39
N SER B 313 -8.65 2.52 10.26
CA SER B 313 -8.96 2.74 11.67
C SER B 313 -7.73 2.99 12.52
N ILE B 314 -6.52 2.87 11.95
CA ILE B 314 -5.31 3.24 12.66
C ILE B 314 -4.69 4.43 11.95
N THR B 315 -3.56 4.92 12.45
CA THR B 315 -2.98 6.16 11.97
C THR B 315 -1.59 5.92 11.39
N ILE B 316 -1.28 6.64 10.33
CA ILE B 316 0.09 6.77 9.84
C ILE B 316 0.60 8.12 10.32
N SER B 317 1.63 8.11 11.14
CA SER B 317 2.27 9.35 11.55
C SER B 317 3.17 9.84 10.44
N GLN B 318 2.98 11.08 10.00
CA GLN B 318 3.83 11.68 8.99
C GLN B 318 5.20 12.08 9.53
N ARG B 319 5.44 11.84 10.81
CA ARG B 319 6.69 12.26 11.42
C ARG B 319 7.82 11.31 11.03
N VAL B 320 8.86 11.88 10.45
CA VAL B 320 10.01 11.12 9.97
C VAL B 320 10.97 10.87 11.12
N ARG B 321 11.71 9.76 11.03
CA ARG B 321 12.78 9.50 11.97
C ARG B 321 13.89 10.53 11.80
N ILE B 322 14.41 11.03 12.91
CA ILE B 322 15.38 12.12 12.90
C ILE B 322 16.77 11.51 12.78
N ALA B 323 17.32 11.53 11.56
CA ALA B 323 18.72 11.18 11.39
C ALA B 323 19.59 12.20 12.10
N THR B 324 20.72 11.74 12.63
CA THR B 324 21.62 12.60 13.38
C THR B 324 22.01 13.81 12.54
N PRO B 325 21.65 15.02 12.94
CA PRO B 325 22.03 16.20 12.15
C PRO B 325 23.54 16.38 12.11
N GLY B 326 24.02 16.85 10.97
CA GLY B 326 25.43 17.07 10.77
C GLY B 326 26.22 15.85 10.34
N ARG B 327 25.75 14.64 10.68
CA ARG B 327 26.48 13.42 10.35
C ARG B 327 26.28 13.10 8.88
N ASP B 328 27.29 13.40 8.08
CA ASP B 328 27.34 12.97 6.69
C ASP B 328 28.19 11.71 6.58
N PHE B 329 28.10 11.06 5.43
CA PHE B 329 28.76 9.78 5.22
C PHE B 329 29.57 9.81 3.93
N MET B 330 30.54 8.91 3.85
CA MET B 330 31.46 8.81 2.72
C MET B 330 32.11 10.14 2.42
N THR B 331 32.54 10.83 3.48
CA THR B 331 33.34 12.04 3.36
C THR B 331 34.83 11.75 3.35
N ASP B 332 35.23 10.53 3.68
CA ASP B 332 36.62 10.10 3.66
C ASP B 332 36.84 9.21 2.44
N LEU B 333 37.99 9.37 1.80
CA LEU B 333 38.25 8.65 0.56
C LEU B 333 38.30 7.14 0.79
N LYS B 334 38.83 6.70 1.92
CA LYS B 334 38.94 5.27 2.17
C LYS B 334 37.57 4.63 2.35
N VAL B 335 36.71 5.25 3.16
CA VAL B 335 35.35 4.75 3.35
C VAL B 335 34.58 4.82 2.04
N PHE B 336 34.76 5.91 1.28
CA PHE B 336 34.08 6.05 0.01
C PHE B 336 34.49 4.96 -0.97
N LEU B 337 35.79 4.65 -1.03
CA LEU B 337 36.26 3.59 -1.91
C LEU B 337 35.74 2.23 -1.48
N ASP B 338 35.66 2.00 -0.17
CA ASP B 338 35.07 0.76 0.32
C ASP B 338 33.61 0.65 -0.10
N VAL B 339 32.87 1.75 0.00
CA VAL B 339 31.47 1.75 -0.43
C VAL B 339 31.36 1.50 -1.93
N GLN B 340 32.24 2.12 -2.71
CA GLN B 340 32.30 1.81 -4.13
C GLN B 340 32.67 0.35 -4.37
N ASP B 341 33.43 -0.24 -3.45
CA ASP B 341 33.77 -1.66 -3.49
C ASP B 341 32.74 -2.51 -2.76
N ALA B 342 31.51 -2.02 -2.64
CA ALA B 342 30.36 -2.71 -2.07
C ALA B 342 30.44 -2.92 -0.56
N ALA B 343 30.99 -1.98 0.19
CA ALA B 343 30.94 -2.09 1.64
C ALA B 343 29.50 -1.98 2.11
N ASP B 344 29.01 -3.04 2.75
CA ASP B 344 27.61 -3.10 3.18
C ASP B 344 27.46 -2.22 4.42
N PHE B 345 27.29 -0.92 4.19
CA PHE B 345 27.13 0.06 5.24
C PHE B 345 25.67 0.36 5.54
N ARG B 346 24.75 -0.42 5.00
CA ARG B 346 23.33 -0.18 5.22
C ARG B 346 22.98 -0.32 6.69
N GLY B 347 22.19 0.63 7.19
CA GLY B 347 21.80 0.64 8.58
C GLY B 347 22.80 1.26 9.53
N PHE B 348 23.93 1.74 9.04
CA PHE B 348 24.97 2.32 9.89
C PHE B 348 24.66 3.75 10.30
N GLU B 349 23.60 4.35 9.76
CA GLU B 349 23.22 5.70 10.13
C GLU B 349 22.64 5.72 11.54
N SER B 350 23.00 6.74 12.30
CA SER B 350 22.45 6.95 13.62
C SER B 350 21.26 7.89 13.56
N TYR B 351 20.34 7.72 14.51
CA TYR B 351 19.12 8.51 14.53
C TYR B 351 18.88 9.04 15.94
N GLU B 352 18.31 10.23 15.99
CA GLU B 352 17.87 10.82 17.24
C GLU B 352 16.60 10.14 17.73
N PRO B 353 16.36 10.11 19.03
CA PRO B 353 15.13 9.50 19.55
C PRO B 353 13.89 10.26 19.09
N GLY B 354 12.81 9.52 18.89
CA GLY B 354 11.56 10.12 18.49
C GLY B 354 11.44 10.32 16.99
N ALA B 355 10.45 11.11 16.63
CA ALA B 355 10.18 11.41 15.23
C ALA B 355 9.64 12.83 15.13
N ARG B 356 9.76 13.41 13.94
CA ARG B 356 9.30 14.77 13.74
C ARG B 356 8.85 14.93 12.29
N LEU B 357 7.99 15.93 12.08
CA LEU B 357 7.63 16.30 10.72
C LEU B 357 8.87 16.79 9.98
N ILE B 358 8.93 16.50 8.69
CA ILE B 358 10.07 16.88 7.88
C ILE B 358 10.28 18.39 7.97
N ARG B 359 11.39 18.81 8.55
CA ARG B 359 11.74 20.23 8.56
C ARG B 359 13.01 20.50 7.79
N THR B 360 14.10 19.79 8.09
CA THR B 360 15.36 20.02 7.42
C THR B 360 15.45 19.20 6.14
N ILE B 361 16.45 19.55 5.32
CA ILE B 361 16.72 18.81 4.09
C ILE B 361 17.10 17.37 4.41
N ARG B 362 17.86 17.19 5.51
CA ARG B 362 18.20 15.84 5.95
C ARG B 362 16.97 15.05 6.33
N ASP B 363 15.92 15.71 6.83
CA ASP B 363 14.69 15.00 7.14
C ASP B 363 14.05 14.42 5.88
N LEU B 364 14.03 15.19 4.80
CA LEU B 364 13.51 14.68 3.53
C LEU B 364 14.39 13.57 2.99
N ALA B 365 15.72 13.71 3.12
CA ALA B 365 16.62 12.64 2.70
C ALA B 365 16.34 11.36 3.48
N THR B 366 16.18 11.47 4.80
CA THR B 366 15.86 10.31 5.62
C THR B 366 14.51 9.72 5.22
N TRP B 367 13.55 10.57 4.90
CA TRP B 367 12.21 10.10 4.55
C TRP B 367 12.28 9.27 3.27
N VAL B 368 13.02 9.76 2.27
CA VAL B 368 13.15 9.02 1.02
C VAL B 368 14.16 7.88 1.13
N HIS B 369 14.89 7.80 2.25
CA HIS B 369 15.82 6.67 2.45
C HIS B 369 15.08 5.34 2.49
N PHE B 370 14.05 5.25 3.33
CA PHE B 370 13.42 3.96 3.63
C PHE B 370 12.01 3.83 3.10
N ASP B 371 11.47 4.84 2.42
CA ASP B 371 10.07 4.83 2.03
C ASP B 371 9.73 3.55 1.28
N ALA B 372 8.67 2.89 1.71
CA ALA B 372 8.28 1.59 1.19
C ALA B 372 7.68 1.78 -0.20
N LEU B 373 8.57 1.88 -1.20
CA LEU B 373 8.19 1.90 -2.60
C LEU B 373 7.21 3.03 -2.91
N TYR B 374 5.91 2.78 -2.67
CA TYR B 374 4.84 3.70 -3.02
C TYR B 374 4.34 4.47 -1.80
N GLU B 375 5.15 4.54 -0.75
CA GLU B 375 4.66 4.98 0.55
C GLU B 375 4.20 6.43 0.53
N ALA B 376 4.96 7.32 -0.11
CA ALA B 376 4.57 8.73 -0.17
C ALA B 376 3.22 8.89 -0.84
N TYR B 377 2.88 8.03 -1.74
CA TYR B 377 1.76 8.23 -2.67
C TYR B 377 0.60 7.51 -2.12
N LEU B 378 0.95 6.40 -1.60
CA LEU B 378 -0.08 5.71 -0.82
C LEU B 378 -0.59 6.59 0.31
N ASN B 379 0.33 7.26 1.01
CA ASN B 379 -0.09 8.19 2.06
C ASN B 379 -0.85 9.37 1.49
N ALA B 380 -0.43 9.89 0.34
CA ALA B 380 -1.17 10.95 -0.31
C ALA B 380 -2.57 10.50 -0.68
N CYS B 381 -2.70 9.28 -1.21
CA CYS B 381 -4.01 8.73 -1.53
C CYS B 381 -4.86 8.57 -0.28
N LEU B 382 -4.26 8.10 0.81
CA LEU B 382 -5.01 7.96 2.07
C LEU B 382 -5.48 9.32 2.58
N ILE B 383 -4.63 10.34 2.45
CA ILE B 383 -5.04 11.70 2.84
C ILE B 383 -6.19 12.16 1.98
N LEU B 384 -6.09 11.96 0.66
CA LEU B 384 -7.13 12.43 -0.25
C LEU B 384 -8.45 11.72 -0.02
N LEU B 385 -8.40 10.42 0.27
CA LEU B 385 -9.61 9.67 0.57
C LEU B 385 -10.21 10.10 1.89
N ALA B 386 -9.39 10.18 2.94
CA ALA B 386 -9.88 10.58 4.25
C ALA B 386 -10.37 12.02 4.23
N ASN B 387 -9.65 12.90 3.53
CA ASN B 387 -10.09 14.29 3.40
C ASN B 387 -11.34 14.42 2.54
N GLY B 388 -11.75 13.36 1.87
CA GLY B 388 -12.92 13.43 1.01
C GLY B 388 -12.69 14.15 -0.29
N VAL B 389 -11.44 14.21 -0.75
CA VAL B 389 -11.13 14.81 -2.04
C VAL B 389 -11.83 13.98 -3.10
N PRO B 390 -12.70 14.58 -3.91
CA PRO B 390 -13.47 13.78 -4.87
C PRO B 390 -12.57 13.13 -5.91
N PHE B 391 -12.99 11.96 -6.38
CA PHE B 391 -12.33 11.35 -7.52
C PHE B 391 -12.60 12.18 -8.76
N ASP B 392 -12.05 11.72 -9.88
CA ASP B 392 -12.27 12.40 -11.14
C ASP B 392 -13.76 12.40 -11.44
N PRO B 393 -14.36 13.56 -11.74
CA PRO B 393 -15.80 13.59 -12.03
C PRO B 393 -16.17 12.79 -13.27
N ASN B 394 -15.22 12.52 -14.16
CA ASN B 394 -15.46 11.69 -15.33
C ASN B 394 -15.45 10.21 -14.99
N LEU B 395 -15.03 9.83 -13.80
CA LEU B 395 -15.25 8.47 -13.33
C LEU B 395 -16.75 8.24 -13.12
N PRO B 396 -17.22 7.01 -13.32
CA PRO B 396 -18.64 6.74 -13.14
C PRO B 396 -19.00 6.63 -11.67
N PHE B 397 -20.30 6.77 -11.40
CA PHE B 397 -20.90 6.60 -10.08
C PHE B 397 -20.35 7.57 -9.05
N GLN B 398 -19.84 8.72 -9.48
CA GLN B 398 -19.28 9.68 -8.54
C GLN B 398 -20.29 10.69 -8.04
N GLN B 399 -21.50 10.70 -8.60
CA GLN B 399 -22.53 11.64 -8.16
C GLN B 399 -23.10 11.22 -6.82
N GLU B 400 -24.08 11.97 -6.34
CA GLU B 400 -24.81 11.55 -5.14
C GLU B 400 -25.57 10.25 -5.44
N ASP B 401 -25.72 9.42 -4.42
CA ASP B 401 -26.32 8.11 -4.62
C ASP B 401 -27.82 8.19 -4.93
N LYS B 402 -28.44 9.34 -4.69
CA LYS B 402 -29.80 9.53 -5.14
C LYS B 402 -29.88 9.69 -6.65
N LEU B 403 -28.74 9.84 -7.32
CA LEU B 403 -28.68 10.02 -8.77
C LEU B 403 -28.17 8.76 -9.47
N ASP B 404 -26.98 8.28 -9.12
CA ASP B 404 -26.39 7.14 -9.78
C ASP B 404 -26.70 5.81 -9.10
N ASN B 405 -27.18 5.84 -7.86
CA ASN B 405 -27.53 4.63 -7.11
C ASN B 405 -26.33 3.70 -6.94
N GLN B 406 -25.12 4.25 -6.80
CA GLN B 406 -23.93 3.41 -6.80
C GLN B 406 -22.83 4.06 -5.98
N ASP B 407 -22.37 3.36 -4.95
CA ASP B 407 -21.09 3.67 -4.32
C ASP B 407 -19.95 3.18 -5.20
N VAL B 408 -18.75 3.69 -4.90
CA VAL B 408 -17.53 3.29 -5.59
C VAL B 408 -16.51 2.91 -4.55
N PHE B 409 -16.25 1.61 -4.40
CA PHE B 409 -15.12 1.15 -3.62
C PHE B 409 -14.17 0.30 -4.45
N VAL B 410 -14.65 -0.79 -5.05
CA VAL B 410 -13.78 -1.68 -5.81
C VAL B 410 -13.39 -1.05 -7.14
N ASN B 411 -14.37 -0.53 -7.87
CA ASN B 411 -14.13 0.16 -9.12
C ASN B 411 -14.40 1.64 -8.92
N PHE B 412 -13.46 2.48 -9.35
CA PHE B 412 -13.58 3.93 -9.33
C PHE B 412 -13.76 4.48 -7.92
N GLY B 413 -13.32 3.74 -6.92
CA GLY B 413 -13.39 4.18 -5.55
C GLY B 413 -12.07 4.09 -4.82
N SER B 414 -12.11 4.04 -3.49
CA SER B 414 -10.89 4.06 -2.70
C SER B 414 -10.01 2.85 -2.99
N ALA B 415 -10.61 1.65 -3.00
CA ALA B 415 -9.82 0.45 -3.24
C ALA B 415 -9.19 0.47 -4.63
N HIS B 416 -9.94 0.94 -5.62
CA HIS B 416 -9.41 1.02 -6.98
C HIS B 416 -8.17 1.91 -7.05
N VAL B 417 -8.24 3.10 -6.48
CA VAL B 417 -7.12 4.03 -6.59
C VAL B 417 -5.94 3.54 -5.76
N LEU B 418 -6.20 2.97 -4.58
CA LEU B 418 -5.11 2.43 -3.77
C LEU B 418 -4.39 1.31 -4.51
N SER B 419 -5.15 0.39 -5.10
CA SER B 419 -4.54 -0.71 -5.84
C SER B 419 -3.77 -0.19 -7.05
N LEU B 420 -4.32 0.79 -7.76
CA LEU B 420 -3.63 1.32 -8.93
C LEU B 420 -2.34 2.02 -8.55
N VAL B 421 -2.38 2.85 -7.49
CA VAL B 421 -1.22 3.61 -7.09
C VAL B 421 -0.15 2.70 -6.53
N THR B 422 -0.53 1.53 -6.01
CA THR B 422 0.49 0.61 -5.53
C THR B 422 0.97 -0.36 -6.60
N GLU B 423 0.16 -0.62 -7.62
CA GLU B 423 0.57 -1.55 -8.67
C GLU B 423 1.39 -0.86 -9.76
N VAL B 424 1.18 0.43 -9.97
CA VAL B 424 1.97 1.15 -10.96
C VAL B 424 3.43 1.24 -10.54
N ALA B 425 3.68 1.14 -9.22
CA ALA B 425 5.02 1.39 -8.69
C ALA B 425 6.02 0.35 -9.16
N THR B 426 5.63 -0.93 -9.14
CA THR B 426 6.59 -1.97 -9.51
C THR B 426 6.83 -2.00 -11.02
N ARG B 427 5.83 -1.64 -11.82
CA ARG B 427 6.05 -1.53 -13.25
C ARG B 427 6.99 -0.38 -13.58
N ALA B 428 6.78 0.76 -12.92
CA ALA B 428 7.72 1.87 -13.06
C ALA B 428 9.11 1.46 -12.61
N LEU B 429 9.18 0.67 -11.53
CA LEU B 429 10.47 0.18 -11.04
C LEU B 429 11.17 -0.69 -12.06
N LYS B 430 10.44 -1.58 -12.73
CA LYS B 430 11.05 -2.42 -13.75
C LYS B 430 11.55 -1.56 -14.91
N ALA B 431 10.75 -0.59 -15.34
CA ALA B 431 11.18 0.29 -16.43
C ALA B 431 12.44 1.06 -16.05
N VAL B 432 12.48 1.59 -14.82
CA VAL B 432 13.65 2.35 -14.41
C VAL B 432 14.84 1.45 -14.18
N ARG B 433 14.62 0.19 -13.77
CA ARG B 433 15.72 -0.74 -13.64
C ARG B 433 16.34 -1.03 -14.98
N TYR B 434 15.50 -1.19 -16.01
CA TYR B 434 16.02 -1.29 -17.36
C TYR B 434 16.85 -0.07 -17.72
N GLN B 435 16.29 1.12 -17.48
CA GLN B 435 17.01 2.35 -17.80
C GLN B 435 18.36 2.43 -17.07
N LYS B 436 18.37 2.07 -15.79
CA LYS B 436 19.60 2.12 -14.99
C LYS B 436 20.63 1.14 -15.52
N PHE B 437 20.29 -0.15 -15.53
CA PHE B 437 21.30 -1.17 -15.73
C PHE B 437 21.60 -1.45 -17.21
N ASN B 438 20.59 -1.50 -18.06
CA ASN B 438 20.82 -1.97 -19.42
C ASN B 438 21.15 -0.84 -20.38
N ILE B 439 20.73 0.39 -20.09
CA ILE B 439 20.89 1.47 -21.05
C ILE B 439 21.98 2.43 -20.62
N HIS B 440 21.78 3.08 -19.47
CA HIS B 440 22.57 4.24 -19.09
C HIS B 440 23.74 3.89 -18.18
N ARG B 441 23.50 3.12 -17.12
CA ARG B 441 24.54 2.71 -16.18
C ARG B 441 25.31 3.91 -15.65
N ARG B 442 24.58 4.99 -15.38
CA ARG B 442 25.22 6.24 -15.00
C ARG B 442 25.75 6.14 -13.58
N LEU B 443 26.96 6.66 -13.38
CA LEU B 443 27.55 6.66 -12.05
C LEU B 443 26.71 7.50 -11.11
N ARG B 444 26.71 7.10 -9.84
CA ARG B 444 25.96 7.81 -8.84
C ARG B 444 26.65 9.13 -8.48
N PRO B 445 25.91 10.09 -7.93
CA PRO B 445 26.53 11.37 -7.55
C PRO B 445 27.67 11.22 -6.58
N GLU B 446 27.67 10.18 -5.73
CA GLU B 446 28.82 9.94 -4.89
C GLU B 446 30.05 9.57 -5.73
N ALA B 447 29.84 8.81 -6.81
CA ALA B 447 30.96 8.49 -7.69
C ALA B 447 31.45 9.73 -8.43
N THR B 448 30.53 10.59 -8.86
CA THR B 448 30.93 11.86 -9.48
C THR B 448 31.71 12.72 -8.50
N GLY B 449 31.25 12.78 -7.25
CA GLY B 449 31.97 13.52 -6.23
C GLY B 449 33.33 12.92 -5.92
N GLY B 450 33.43 11.59 -5.99
CA GLY B 450 34.74 10.95 -5.83
C GLY B 450 35.68 11.30 -6.96
N LEU B 451 35.19 11.30 -8.20
CA LEU B 451 36.00 11.75 -9.33
C LEU B 451 36.44 13.18 -9.12
N ILE B 452 35.52 14.04 -8.67
CA ILE B 452 35.83 15.46 -8.45
C ILE B 452 36.88 15.60 -7.37
N SER B 453 36.73 14.85 -6.28
CA SER B 453 37.67 14.94 -5.17
C SER B 453 39.06 14.46 -5.57
N VAL B 454 39.13 13.34 -6.30
CA VAL B 454 40.44 12.85 -6.75
C VAL B 454 41.06 13.84 -7.73
N ASN B 455 40.25 14.40 -8.63
CA ASN B 455 40.78 15.37 -9.59
C ASN B 455 41.28 16.62 -8.89
N LYS B 456 40.61 17.05 -7.81
CA LYS B 456 41.04 18.24 -7.10
C LYS B 456 42.25 17.97 -6.21
N ILE B 457 42.38 16.74 -5.71
CA ILE B 457 43.53 16.39 -4.88
C ILE B 457 44.77 16.10 -5.73
N ALA B 458 44.59 15.67 -6.98
CA ALA B 458 45.73 15.32 -7.82
C ALA B 458 46.77 16.44 -7.95
N PRO B 459 46.40 17.70 -8.18
CA PRO B 459 47.44 18.75 -8.24
C PRO B 459 48.19 18.94 -6.92
N GLN B 460 47.59 18.54 -5.80
CA GLN B 460 48.31 18.65 -4.52
C GLN B 460 49.48 17.69 -4.47
N LYS B 461 49.33 16.50 -5.07
CA LYS B 461 50.39 15.51 -5.13
C LYS B 461 51.15 15.53 -6.44
N GLY B 462 50.92 16.55 -7.27
CA GLY B 462 51.64 16.70 -8.52
C GLY B 462 51.08 15.91 -9.69
N GLU B 463 50.00 15.16 -9.49
CA GLU B 463 49.39 14.37 -10.55
C GLU B 463 48.21 15.12 -11.16
N SER B 464 47.55 14.47 -12.11
CA SER B 464 46.37 15.00 -12.77
C SER B 464 45.56 13.84 -13.33
N ILE B 465 44.40 13.60 -12.73
CA ILE B 465 43.56 12.47 -13.11
C ILE B 465 42.12 12.96 -13.18
N PHE B 466 41.34 12.32 -14.04
CA PHE B 466 39.96 12.70 -14.35
C PHE B 466 39.87 14.13 -14.88
N PRO B 467 40.48 14.42 -16.03
CA PRO B 467 40.22 15.71 -16.69
C PRO B 467 38.79 15.86 -17.15
N GLU B 468 38.03 14.77 -17.20
CA GLU B 468 36.64 14.82 -17.65
C GLU B 468 35.78 15.64 -16.69
N VAL B 469 36.16 15.72 -15.43
CA VAL B 469 35.44 16.51 -14.45
C VAL B 469 36.19 17.81 -14.12
N ASP B 470 37.14 18.21 -14.96
CA ASP B 470 37.86 19.45 -14.72
C ASP B 470 36.94 20.66 -14.76
N LEU B 471 35.99 20.68 -15.70
CA LEU B 471 35.07 21.81 -15.78
C LEU B 471 34.22 21.89 -14.52
N ALA B 472 33.78 20.74 -14.00
CA ALA B 472 33.03 20.74 -12.74
C ALA B 472 33.90 21.22 -11.60
N VAL B 473 35.16 20.79 -11.54
CA VAL B 473 36.04 21.18 -10.45
C VAL B 473 36.28 22.69 -10.46
N GLU B 474 36.54 23.26 -11.64
CA GLU B 474 36.84 24.68 -11.73
C GLU B 474 35.59 25.54 -11.58
N GLU B 475 34.43 25.01 -11.99
CA GLU B 475 33.21 25.80 -11.88
C GLU B 475 32.67 25.84 -10.46
N LEU B 476 33.16 24.95 -9.59
CA LEU B 476 32.61 24.79 -8.25
C LEU B 476 33.66 25.02 -7.16
N GLY B 477 34.60 25.95 -7.38
CA GLY B 477 35.65 26.15 -6.40
C GLY B 477 35.12 26.53 -5.03
N ASP B 478 34.19 27.49 -4.98
CA ASP B 478 33.60 27.90 -3.71
C ASP B 478 32.84 26.75 -3.06
N ILE B 479 31.98 26.08 -3.83
CA ILE B 479 31.21 24.96 -3.28
C ILE B 479 32.14 23.83 -2.86
N LEU B 480 33.16 23.55 -3.67
CA LEU B 480 34.06 22.45 -3.34
C LEU B 480 34.88 22.74 -2.09
N GLU B 481 35.30 23.99 -1.89
CA GLU B 481 36.07 24.27 -0.67
C GLU B 481 35.16 24.29 0.56
N LYS B 482 33.91 24.74 0.41
CA LYS B 482 32.96 24.60 1.51
C LYS B 482 32.72 23.14 1.85
N ALA B 483 32.59 22.30 0.82
CA ALA B 483 32.40 20.88 1.05
C ALA B 483 33.65 20.25 1.66
N GLU B 484 34.83 20.75 1.29
CA GLU B 484 36.06 20.24 1.89
C GLU B 484 36.10 20.57 3.38
N ILE B 485 35.69 21.78 3.75
CA ILE B 485 35.65 22.15 5.15
C ILE B 485 34.67 21.25 5.91
N SER B 486 33.46 21.08 5.36
CA SER B 486 32.48 20.23 6.03
C SER B 486 32.94 18.79 6.10
N ASN B 487 33.60 18.30 5.05
CA ASN B 487 34.12 16.95 5.05
C ASN B 487 35.23 16.79 6.07
N ARG B 488 36.05 17.82 6.26
CA ARG B 488 37.08 17.76 7.29
C ARG B 488 36.45 17.67 8.68
N LYS B 489 35.39 18.46 8.93
CA LYS B 489 34.69 18.33 10.21
C LYS B 489 34.12 16.94 10.39
N GLN B 490 33.51 16.39 9.33
CA GLN B 490 32.92 15.04 9.42
C GLN B 490 33.99 13.99 9.67
N ASN B 491 35.13 14.10 8.99
CA ASN B 491 36.19 13.11 9.12
C ASN B 491 36.89 13.21 10.48
N ILE B 492 36.99 14.42 11.03
CA ILE B 492 37.44 14.55 12.42
C ILE B 492 36.44 13.90 13.36
N ALA B 493 35.14 14.09 13.10
CA ALA B 493 34.12 13.41 13.89
C ALA B 493 34.20 11.90 13.72
N ASP B 494 34.48 11.43 12.50
CA ASP B 494 34.59 10.01 12.26
C ASP B 494 35.75 9.39 13.04
N GLY B 495 36.76 10.19 13.38
CA GLY B 495 37.85 9.70 14.19
C GLY B 495 39.23 9.86 13.58
N ASP B 496 39.37 10.81 12.65
CA ASP B 496 40.66 11.11 12.05
C ASP B 496 41.12 12.48 12.53
N PRO B 497 42.16 12.56 13.36
CA PRO B 497 42.60 13.88 13.86
C PRO B 497 43.02 14.85 12.76
N ASP B 498 43.73 14.36 11.75
CA ASP B 498 44.21 15.19 10.64
C ASP B 498 43.92 14.47 9.32
N PRO B 499 42.66 14.46 8.89
CA PRO B 499 42.33 13.79 7.63
C PRO B 499 42.85 14.56 6.43
N ASP B 500 43.13 13.83 5.36
CA ASP B 500 43.49 14.46 4.10
C ASP B 500 42.30 15.25 3.56
N PRO B 501 42.55 16.34 2.84
CA PRO B 501 41.44 17.11 2.28
C PRO B 501 40.59 16.25 1.37
N SER B 502 39.28 16.41 1.47
CA SER B 502 38.32 15.56 0.77
C SER B 502 37.19 16.42 0.24
N PHE B 503 36.97 16.36 -1.07
CA PHE B 503 35.88 17.05 -1.72
C PHE B 503 34.77 16.09 -2.12
N LEU B 504 34.67 14.96 -1.41
CA LEU B 504 33.61 13.99 -1.67
C LEU B 504 32.25 14.60 -1.38
N LEU B 505 31.26 14.19 -2.15
CA LEU B 505 29.90 14.63 -1.90
C LEU B 505 29.43 14.03 -0.58
N PRO B 506 29.12 14.83 0.44
CA PRO B 506 28.62 14.26 1.69
C PRO B 506 27.29 13.56 1.46
N MET B 507 27.16 12.37 2.02
CA MET B 507 26.00 11.52 1.78
C MET B 507 25.17 11.42 3.05
N ALA B 508 23.86 11.56 2.90
CA ALA B 508 22.97 11.43 4.04
C ALA B 508 22.92 9.98 4.53
N PHE B 509 23.17 9.02 3.66
CA PHE B 509 23.08 7.61 4.00
C PHE B 509 24.47 7.01 4.15
N ALA B 510 24.61 6.09 5.11
CA ALA B 510 25.92 5.49 5.38
C ALA B 510 26.41 4.67 4.20
N GLU B 511 25.51 3.90 3.58
CA GLU B 511 25.86 3.16 2.38
C GLU B 511 25.90 4.05 1.15
N GLY B 512 25.54 5.32 1.29
CA GLY B 512 25.42 6.21 0.15
C GLY B 512 24.23 5.84 -0.70
N SER B 513 24.46 5.70 -2.00
CA SER B 513 23.39 5.36 -2.90
C SER B 513 23.10 3.86 -2.86
N PRO B 514 21.92 3.44 -3.32
CA PRO B 514 21.68 2.01 -3.50
C PRO B 514 22.55 1.44 -4.60
N PHE B 515 22.52 0.12 -4.74
CA PHE B 515 23.36 -0.55 -5.73
C PHE B 515 22.66 -0.69 -7.08
N HIS B 516 22.66 0.37 -7.71
CA HIS B 516 21.98 0.66 -8.86
C HIS B 516 22.49 1.93 -9.46
N PRO B 517 22.55 2.05 -10.87
CA PRO B 517 22.94 3.34 -11.44
C PRO B 517 21.92 4.43 -11.15
N SER B 518 22.40 5.67 -11.22
CA SER B 518 21.58 6.82 -10.86
C SER B 518 20.57 7.21 -11.93
N TYR B 519 20.71 6.73 -13.15
CA TYR B 519 19.86 7.16 -14.27
C TYR B 519 19.17 5.93 -14.85
N GLY B 520 17.88 5.79 -14.58
CA GLY B 520 17.11 6.76 -13.82
C GLY B 520 16.97 6.49 -12.34
N SER B 521 15.90 6.99 -11.75
CA SER B 521 15.65 6.87 -10.32
C SER B 521 14.43 6.01 -10.09
N GLY B 522 14.58 4.97 -9.27
CA GLY B 522 13.41 4.19 -8.86
C GLY B 522 12.43 5.02 -8.07
N HIS B 523 12.93 5.81 -7.11
CA HIS B 523 12.04 6.62 -6.30
C HIS B 523 11.30 7.64 -7.15
N ALA B 524 11.99 8.31 -8.06
CA ALA B 524 11.33 9.32 -8.86
C ALA B 524 10.46 8.71 -9.97
N VAL B 525 10.82 7.53 -10.48
CA VAL B 525 9.92 6.87 -11.42
C VAL B 525 8.64 6.43 -10.73
N VAL B 526 8.75 5.96 -9.49
CA VAL B 526 7.56 5.60 -8.73
C VAL B 526 6.78 6.85 -8.39
N ALA B 527 7.46 7.96 -8.09
CA ALA B 527 6.79 9.22 -7.86
C ALA B 527 5.99 9.64 -9.08
N GLY B 528 6.61 9.63 -10.26
CA GLY B 528 5.90 9.99 -11.47
C GLY B 528 4.71 9.09 -11.72
N ALA B 529 4.92 7.77 -11.62
CA ALA B 529 3.84 6.83 -11.90
C ALA B 529 2.69 6.98 -10.92
N CYS B 530 3.00 7.03 -9.62
CA CYS B 530 1.96 7.05 -8.62
C CYS B 530 1.25 8.39 -8.55
N VAL B 531 2.00 9.49 -8.69
CA VAL B 531 1.37 10.80 -8.73
C VAL B 531 0.52 10.94 -9.99
N THR B 532 0.95 10.37 -11.11
CA THR B 532 0.11 10.33 -12.30
C THR B 532 -1.17 9.54 -12.04
N ILE B 533 -1.05 8.41 -11.36
CA ILE B 533 -2.22 7.60 -11.04
C ILE B 533 -3.19 8.41 -10.17
N LEU B 534 -2.66 9.08 -9.16
CA LEU B 534 -3.51 9.85 -8.25
C LEU B 534 -4.15 11.05 -8.94
N LYS B 535 -3.40 11.73 -9.81
CA LYS B 535 -3.95 12.88 -10.52
C LYS B 535 -5.02 12.45 -11.51
N ALA B 536 -4.82 11.29 -12.15
CA ALA B 536 -5.85 10.78 -13.04
C ALA B 536 -7.09 10.37 -12.26
N PHE B 537 -6.89 9.66 -11.16
CA PHE B 537 -8.02 9.12 -10.41
C PHE B 537 -8.77 10.20 -9.65
N PHE B 538 -8.06 11.06 -8.94
CA PHE B 538 -8.68 12.09 -8.14
C PHE B 538 -8.97 13.32 -8.99
N ASP B 539 -9.94 14.12 -8.54
CA ASP B 539 -10.18 15.41 -9.17
C ASP B 539 -8.97 16.26 -8.83
N SER B 540 -8.04 16.32 -9.78
CA SER B 540 -6.73 16.89 -9.51
C SER B 540 -6.77 18.41 -9.51
N GLY B 541 -7.80 19.01 -10.10
CA GLY B 541 -7.94 20.45 -10.07
C GLY B 541 -8.52 20.99 -8.79
N ILE B 542 -8.95 20.11 -7.87
CA ILE B 542 -9.53 20.57 -6.62
C ILE B 542 -8.49 21.33 -5.82
N GLU B 543 -8.88 22.52 -5.36
CA GLU B 543 -7.98 23.39 -4.62
C GLU B 543 -8.03 23.03 -3.14
N ILE B 544 -6.85 22.97 -2.52
CA ILE B 544 -6.77 22.68 -1.09
C ILE B 544 -7.03 23.96 -0.31
N ASP B 545 -8.03 23.92 0.58
CA ASP B 545 -8.38 25.10 1.36
C ASP B 545 -7.31 25.40 2.40
N GLN B 546 -6.72 24.38 3.00
CA GLN B 546 -5.77 24.53 4.09
C GLN B 546 -4.37 24.21 3.59
N VAL B 547 -3.51 25.22 3.58
CA VAL B 547 -2.11 25.05 3.18
C VAL B 547 -1.27 25.18 4.44
N PHE B 548 -0.58 24.11 4.81
CA PHE B 548 0.20 24.06 6.03
C PHE B 548 1.68 24.02 5.73
N GLU B 549 2.47 24.44 6.71
CA GLU B 549 3.91 24.38 6.65
C GLU B 549 4.42 23.96 8.03
N VAL B 550 5.58 23.31 8.05
CA VAL B 550 6.18 22.94 9.31
C VAL B 550 6.68 24.20 10.02
N ASP B 551 6.32 24.34 11.29
CA ASP B 551 6.65 25.54 12.04
C ASP B 551 8.16 25.72 12.16
N LYS B 552 8.60 26.98 12.12
CA LYS B 552 10.03 27.27 12.20
C LYS B 552 10.64 26.78 13.50
N ASP B 553 9.98 27.04 14.63
CA ASP B 553 10.50 26.66 15.94
C ASP B 553 10.06 25.27 16.40
N GLU B 554 8.75 25.04 16.49
CA GLU B 554 8.21 23.82 17.07
C GLU B 554 7.90 22.81 15.97
N ASP B 555 8.02 21.52 16.32
CA ASP B 555 7.66 20.43 15.41
C ASP B 555 6.13 20.34 15.35
N LYS B 556 5.56 21.16 14.47
CA LYS B 556 4.11 21.22 14.31
C LYS B 556 3.81 21.90 12.98
N LEU B 557 2.54 21.85 12.60
CA LEU B 557 2.08 22.43 11.35
C LEU B 557 1.35 23.74 11.58
N VAL B 558 1.99 24.84 11.19
CA VAL B 558 1.37 26.15 11.22
C VAL B 558 0.74 26.41 9.85
N LYS B 559 -0.16 27.39 9.81
CA LYS B 559 -0.71 27.84 8.55
C LYS B 559 0.39 28.50 7.72
N SER B 560 0.52 28.06 6.47
CA SER B 560 1.55 28.63 5.60
C SER B 560 1.20 30.05 5.23
N SER B 561 2.23 30.87 5.00
CA SER B 561 2.03 32.26 4.60
C SER B 561 1.75 32.40 3.11
N PHE B 562 1.35 31.31 2.44
CA PHE B 562 1.13 31.31 1.01
C PHE B 562 -0.30 31.77 0.70
N LYS B 563 -0.45 33.01 0.25
CA LYS B 563 -1.76 33.61 0.02
C LYS B 563 -2.44 33.08 -1.23
N GLY B 564 -1.72 32.40 -2.11
CA GLY B 564 -2.32 31.83 -3.30
C GLY B 564 -3.12 30.59 -2.98
N THR B 565 -3.36 29.79 -4.01
CA THR B 565 -4.09 28.54 -3.87
C THR B 565 -3.25 27.38 -4.37
N LEU B 566 -3.42 26.23 -3.75
CA LEU B 566 -2.79 24.99 -4.17
C LEU B 566 -3.86 23.99 -4.58
N THR B 567 -3.61 23.28 -5.67
CA THR B 567 -4.52 22.26 -6.15
C THR B 567 -4.01 20.88 -5.76
N VAL B 568 -4.89 19.89 -5.90
CA VAL B 568 -4.51 18.50 -5.64
C VAL B 568 -3.44 18.06 -6.64
N ALA B 569 -3.60 18.42 -7.91
CA ALA B 569 -2.57 18.12 -8.89
C ALA B 569 -1.26 18.80 -8.57
N GLY B 570 -1.33 20.09 -8.20
CA GLY B 570 -0.13 20.81 -7.86
C GLY B 570 0.57 20.23 -6.64
N GLU B 571 -0.20 19.85 -5.62
CA GLU B 571 0.40 19.27 -4.43
C GLU B 571 0.92 17.85 -4.66
N LEU B 572 0.28 17.09 -5.55
CA LEU B 572 0.81 15.77 -5.88
C LEU B 572 2.09 15.87 -6.69
N ASN B 573 2.15 16.84 -7.62
CA ASN B 573 3.39 17.10 -8.33
C ASN B 573 4.47 17.57 -7.35
N LYS B 574 4.09 18.39 -6.38
CA LYS B 574 5.03 18.81 -5.35
C LYS B 574 5.51 17.63 -4.52
N LEU B 575 4.62 16.67 -4.26
CA LEU B 575 5.02 15.46 -3.53
C LEU B 575 6.01 14.64 -4.33
N ALA B 576 5.73 14.46 -5.63
CA ALA B 576 6.65 13.73 -6.49
C ALA B 576 8.01 14.41 -6.52
N ASP B 577 8.01 15.74 -6.66
CA ASP B 577 9.26 16.49 -6.63
C ASP B 577 9.92 16.40 -5.27
N ASN B 578 9.14 16.37 -4.19
CA ASN B 578 9.72 16.23 -2.86
C ASN B 578 10.47 14.91 -2.76
N ILE B 579 9.88 13.83 -3.25
CA ILE B 579 10.55 12.53 -3.19
C ILE B 579 11.81 12.54 -4.06
N ALA B 580 11.70 13.06 -5.28
CA ALA B 580 12.83 13.05 -6.21
C ALA B 580 13.97 13.93 -5.71
N ILE B 581 13.66 15.18 -5.38
CA ILE B 581 14.67 16.06 -4.82
C ILE B 581 15.18 15.58 -3.46
N GLY B 582 14.37 14.85 -2.69
CA GLY B 582 14.89 14.27 -1.47
C GLY B 582 15.91 13.20 -1.72
N ARG B 583 15.72 12.41 -2.79
CA ARG B 583 16.79 11.53 -3.23
C ARG B 583 18.03 12.34 -3.61
N ASN B 584 17.82 13.50 -4.25
CA ASN B 584 18.96 14.38 -4.53
C ASN B 584 19.64 14.87 -3.25
N MET B 585 18.85 15.17 -2.22
CA MET B 585 19.38 15.72 -0.97
C MET B 585 20.23 14.69 -0.24
N ALA B 586 19.92 13.41 -0.41
CA ALA B 586 20.80 12.36 0.07
C ALA B 586 22.13 12.35 -0.67
N GLY B 587 22.18 12.92 -1.87
CA GLY B 587 23.34 12.79 -2.71
C GLY B 587 23.34 11.56 -3.58
N VAL B 588 22.20 10.92 -3.79
CA VAL B 588 22.14 9.67 -4.54
C VAL B 588 21.60 9.84 -5.96
N HIS B 589 21.14 11.04 -6.32
CA HIS B 589 20.63 11.27 -7.66
C HIS B 589 20.93 12.69 -8.11
N TYR B 590 21.08 12.85 -9.42
CA TYR B 590 21.15 14.15 -10.04
C TYR B 590 19.74 14.62 -10.37
N PHE B 591 19.60 15.93 -10.62
CA PHE B 591 18.28 16.47 -10.90
C PHE B 591 17.70 15.89 -12.18
N SER B 592 18.52 15.79 -13.24
CA SER B 592 18.01 15.30 -14.52
C SER B 592 17.56 13.85 -14.40
N ASP B 593 18.31 13.04 -13.65
CA ASP B 593 17.86 11.69 -13.36
C ASP B 593 16.46 11.72 -12.79
N GLN B 594 16.24 12.61 -11.81
CA GLN B 594 14.95 12.69 -11.14
C GLN B 594 13.85 13.08 -12.11
N PHE B 595 14.08 14.13 -12.88
CA PHE B 595 13.03 14.66 -13.75
C PHE B 595 12.71 13.67 -14.87
N GLU B 596 13.72 13.10 -15.49
CA GLU B 596 13.48 12.18 -16.60
C GLU B 596 12.87 10.87 -16.11
N SER B 597 13.23 10.41 -14.91
CA SER B 597 12.56 9.24 -14.39
C SER B 597 11.15 9.56 -13.91
N LEU B 598 10.88 10.80 -13.51
CA LEU B 598 9.51 11.22 -13.26
C LEU B 598 8.68 11.17 -14.54
N LEU B 599 9.27 11.62 -15.65
CA LEU B 599 8.59 11.51 -16.95
C LEU B 599 8.37 10.05 -17.32
N LEU B 600 9.38 9.20 -17.10
CA LEU B 600 9.24 7.78 -17.39
C LEU B 600 8.13 7.16 -16.56
N GLY B 601 8.04 7.53 -15.28
CA GLY B 601 6.97 7.03 -14.44
C GLY B 601 5.60 7.50 -14.90
N GLU B 602 5.51 8.76 -15.33
CA GLU B 602 4.25 9.23 -15.90
C GLU B 602 3.86 8.41 -17.12
N GLN B 603 4.83 8.08 -17.98
CA GLN B 603 4.55 7.21 -19.11
C GLN B 603 4.09 5.82 -18.66
N VAL B 604 4.74 5.27 -17.64
CA VAL B 604 4.34 3.96 -17.12
C VAL B 604 2.88 4.00 -16.65
N ALA B 605 2.55 5.06 -15.91
CA ALA B 605 1.21 5.16 -15.34
C ALA B 605 0.16 5.37 -16.41
N ILE B 606 0.46 6.22 -17.41
CA ILE B 606 -0.48 6.42 -18.50
C ILE B 606 -0.68 5.13 -19.27
N GLY B 607 0.39 4.38 -19.49
CA GLY B 607 0.25 3.08 -20.13
C GLY B 607 -0.63 2.13 -19.33
N ILE B 608 -0.40 2.05 -18.02
CA ILE B 608 -1.19 1.15 -17.19
C ILE B 608 -2.66 1.57 -17.17
N LEU B 609 -2.92 2.88 -17.10
CA LEU B 609 -4.29 3.36 -17.13
C LEU B 609 -4.96 3.01 -18.45
N GLU B 610 -4.25 3.19 -19.57
CA GLU B 610 -4.82 2.86 -20.86
C GLU B 610 -5.12 1.37 -20.98
N GLU B 611 -4.23 0.53 -20.44
CA GLU B 611 -4.46 -0.91 -20.45
C GLU B 611 -5.67 -1.27 -19.59
N GLN B 612 -5.75 -0.72 -18.39
CA GLN B 612 -6.78 -1.09 -17.45
C GLN B 612 -8.15 -0.50 -17.82
N SER B 613 -8.17 0.54 -18.66
CA SER B 613 -9.44 1.10 -19.10
C SER B 613 -10.20 0.12 -19.99
N LEU B 614 -9.50 -0.84 -20.60
CA LEU B 614 -10.17 -1.86 -21.41
C LEU B 614 -10.86 -2.92 -20.57
N THR B 615 -10.63 -2.92 -19.25
CA THR B 615 -11.26 -3.88 -18.36
C THR B 615 -12.62 -3.43 -17.85
N TYR B 616 -13.02 -2.19 -18.14
CA TYR B 616 -14.25 -1.63 -17.64
C TYR B 616 -15.24 -1.42 -18.77
N GLY B 617 -16.45 -1.95 -18.60
CA GLY B 617 -17.54 -1.65 -19.51
C GLY B 617 -18.22 -0.33 -19.22
N GLU B 618 -17.86 0.30 -18.12
CA GLU B 618 -18.44 1.59 -17.76
C GLU B 618 -17.94 2.68 -18.70
N ASN B 619 -18.82 3.64 -18.99
CA ASN B 619 -18.46 4.79 -19.82
C ASN B 619 -17.81 5.84 -18.94
N PHE B 620 -16.49 5.96 -19.04
CA PHE B 620 -15.73 6.87 -18.20
C PHE B 620 -14.37 7.10 -18.81
N PHE B 621 -13.65 8.06 -18.24
CA PHE B 621 -12.25 8.26 -18.55
C PHE B 621 -11.57 8.96 -17.39
N PHE B 622 -10.26 8.75 -17.28
CA PHE B 622 -9.45 9.47 -16.32
C PHE B 622 -9.00 10.79 -16.92
N ASN B 623 -9.29 11.89 -16.24
CA ASN B 623 -8.80 13.20 -16.63
C ASN B 623 -7.43 13.36 -16.01
N LEU B 624 -6.38 13.06 -16.77
CA LEU B 624 -5.02 13.04 -16.26
C LEU B 624 -4.24 14.24 -16.77
N PRO B 625 -3.93 15.23 -15.93
CA PRO B 625 -2.97 16.27 -16.32
C PRO B 625 -1.56 15.70 -16.25
N LYS B 626 -0.78 15.95 -17.29
CA LYS B 626 0.57 15.42 -17.34
C LYS B 626 1.57 16.42 -16.76
N PHE B 627 2.83 16.00 -16.71
CA PHE B 627 3.88 16.89 -16.20
C PHE B 627 4.21 17.99 -17.19
N ASP B 628 3.82 17.83 -18.46
CA ASP B 628 4.09 18.84 -19.48
C ASP B 628 3.01 19.90 -19.57
N GLY B 629 2.03 19.87 -18.67
CA GLY B 629 0.95 20.84 -18.66
C GLY B 629 -0.25 20.47 -19.50
N THR B 630 -0.16 19.40 -20.28
CA THR B 630 -1.29 18.93 -21.06
C THR B 630 -2.11 17.92 -20.26
N THR B 631 -3.30 17.62 -20.77
CA THR B 631 -4.20 16.67 -20.15
C THR B 631 -4.56 15.59 -21.15
N ILE B 632 -4.47 14.33 -20.70
CA ILE B 632 -4.86 13.18 -21.50
C ILE B 632 -6.08 12.54 -20.84
N GLN B 633 -6.97 12.00 -21.66
CA GLN B 633 -8.18 11.34 -21.19
C GLN B 633 -8.00 9.83 -21.34
N ILE B 634 -8.17 9.10 -20.25
CA ILE B 634 -7.96 7.67 -20.26
C ILE B 634 -9.20 6.94 -19.77
CA CA C . 21.45 -11.60 -2.05
P PO4 D . -16.93 -6.94 2.94
O1 PO4 D . -17.38 -7.78 1.78
O2 PO4 D . -15.90 -5.95 2.49
O3 PO4 D . -18.14 -6.23 3.51
O4 PO4 D . -16.34 -7.85 3.99
CA CA E . -22.30 7.60 -6.55
P PO4 F . 16.63 5.13 -6.46
O1 PO4 F . 16.98 4.79 -7.89
O2 PO4 F . 15.68 4.09 -5.91
O3 PO4 F . 17.90 5.16 -5.63
O4 PO4 F . 15.99 6.49 -6.44
#